data_8J6Q
#
_entry.id   8J6Q
#
_cell.length_a   1.00
_cell.length_b   1.00
_cell.length_c   1.00
_cell.angle_alpha   90.00
_cell.angle_beta   90.00
_cell.angle_gamma   90.00
#
_symmetry.space_group_name_H-M   'P 1'
#
loop_
_entity.id
_entity.type
_entity.pdbx_description
1 polymer 'Guanine nucleotide-binding protein G(i) subunit alpha-1'
2 polymer 'Guanine nucleotide-binding protein G(I)/G(S)/G(T) subunit beta-1'
3 polymer 'Guanine nucleotide-binding protein G(I)/G(S)/G(O) subunit gamma-2'
4 polymer 'single Fab chain (scFv16)'
5 polymer 'Hydroxycarboxylic acid receptor 2'
6 non-polymer 7-methyl-N-[(2R)-1-phenoxypropan-2-yl]-3-(4-propan-2-ylphenyl)pyrazolo[1,5-a]pyrimidine-6-carboxamide
7 non-polymer CHOLESTEROL
8 non-polymer '(3R)-3-hydroxybutanoic acid'
9 non-polymer 2-acetamido-2-deoxy-beta-D-glucopyranose
10 water water
#
loop_
_entity_poly.entity_id
_entity_poly.type
_entity_poly.pdbx_seq_one_letter_code
_entity_poly.pdbx_strand_id
1 'polypeptide(L)'
;CTLSAEDKAAVERSKMIDRNLREDGEKAAREVKLLLLGAGESGKNTIVKQMKIIHEAGYSEEECKQYKAVVYSNTIQSII
AIIRAMGRLKIDFGDSARADDARQLFVLAGAAEEGFMTAELAGVIKRLWKDSGVQACFNRSREYQLNDSAAYYLNDLDRI
AQPNYIPTQQDVLRTRVKTTGIVETHFTFKDLHFKMFDVGAQRSERKKWIHCFEGVTAIIFCVALSDYDLVLAEDEEMNR
MHASMKLFDSICNNKWFTDTSIILFLNKKDLFEEKIKKSPLTICYPEYAGSNTYEEAAAYIQCQFEDLNKRKDTKEIYTH
FTCSTDTKNVQFVFDAVTDVIIKNNLKDCGLF
;
A
2 'polypeptide(L)'
;SELDQLRQEAEQLKNQIRDARKACADATLSQITNNIDPVGRIQMRTRRTLRGHLAKIYAMHWGTDSRLLVSASQDGKLII
WDSYTTNKVHAIPLRSSWVMTCAYAPSGNYVACGGLDNICSIYNLKTREGNVRVSRELAGHTGYLSCCRFLDDNQIVTSS
GDTTCALWDIETGQQTTTFTGHTGDVMSLSLAPDTRLFVSGACDASAKLWDVREGMCRQTFTGHESDINAICFFPNGNAF
ATGSDDATCRLFDLRADQELMTYSHDNIICGITSVSFSKSGRLLLAGYDDFNCNVWDALKADRAGVLAGHDNRVSCLGVT
DDGMAVATGSWDSFLKIWN
;
B
3 'polypeptide(L)' NTASIAQARKLVEQLKMEANIDRIKVSKAAADLMAYCEAHAKEDPLLTPVPASENPFR G
4 'polypeptide(L)'
;DVQLVESGGGLVQPGGSRKLSCSASGFAFSSFGMHWVRQAPEKGLEWVAYISSGSGTIYYADTVKGRFTISRDDPKNTLF
LQMTSLRSEDTAMYYCVRSIYYYGSSPFDFWGQGTTLTVSSGGGGSGGGGSGGGGSDIVMTQATSSVPVTPGESVSISCR
SSKSLLHSNGNTYLYWFLQRPGQSPQLLIYRMSNLASGVPDRFSGSGSGTAFTLTISRLEAEDVGVYYCMQHLEYPLTFG
AGTKLELKGS
;
S
5 'polypeptide(L)'
;DHFLEIDKKNCCVFRDDFIVKVLPPVLGLEFIFGLLGNGLALWIFCFHLKSWKSSRIFLFNLAVADFLLIICLPFLMDNY
VRRWDWKFGDIPCRLMLFMLAMNRQGSIIFLTVVAVDRYFRVVHPHHALNKISNRTAAIISCLLWGITIGLTVHLLKKKM
PIQNGGANLCSSFSICHTFQWHEAMFLLEFFLPLGIILFCSARIIWSLRQRQMDRHAKIKRAITFIMVVAIVFVICFLPS
VVVRIRIFWLLHTSGTQNCEVYRSVDLAFFITLSFTYMNSMLDPVVYYFSSPSFN
;
R
#
loop_
_chem_comp.id
_chem_comp.type
_chem_comp.name
_chem_comp.formula
3HR non-polymer '(3R)-3-hydroxybutanoic acid' 'C4 H8 O3'
CLR non-polymer CHOLESTEROL 'C27 H46 O'
IX8 non-polymer 7-methyl-N-[(2R)-1-phenoxypropan-2-yl]-3-(4-propan-2-ylphenyl)pyrazolo[1,5-a]pyrimidine-6-carboxamide 'C26 H28 N4 O2'
NAG D-saccharide, beta linking 2-acetamido-2-deoxy-beta-D-glucopyranose 'C8 H15 N O6'
#
# COMPACT_ATOMS: atom_id res chain seq x y z
N CYS A 1 -6.73 10.43 24.26
CA CYS A 1 -8.13 10.29 24.65
C CYS A 1 -8.52 8.81 24.73
N THR A 2 -9.14 8.46 25.86
CA THR A 2 -9.62 7.10 26.18
C THR A 2 -8.62 6.01 25.78
N LEU A 3 -7.33 6.31 25.94
CA LEU A 3 -6.27 5.36 25.68
C LEU A 3 -5.34 5.29 26.89
N SER A 4 -4.82 4.10 27.15
CA SER A 4 -3.88 3.91 28.25
C SER A 4 -2.48 4.32 27.80
N ALA A 5 -1.54 4.27 28.74
CA ALA A 5 -0.15 4.57 28.42
C ALA A 5 0.42 3.56 27.41
N GLU A 6 0.12 2.28 27.61
CA GLU A 6 0.60 1.25 26.70
C GLU A 6 -0.10 1.35 25.35
N ASP A 7 -1.39 1.71 25.34
CA ASP A 7 -2.08 1.92 24.08
C ASP A 7 -1.47 3.08 23.31
N LYS A 8 -1.16 4.18 24.00
CA LYS A 8 -0.54 5.33 23.34
C LYS A 8 0.85 4.98 22.81
N ALA A 9 1.62 4.20 23.58
CA ALA A 9 2.93 3.79 23.11
C ALA A 9 2.84 2.84 21.91
N ALA A 10 1.84 1.96 21.89
CA ALA A 10 1.63 1.10 20.72
C ALA A 10 1.22 1.92 19.51
N VAL A 11 0.40 2.96 19.71
CA VAL A 11 0.04 3.84 18.61
C VAL A 11 1.27 4.58 18.09
N GLU A 12 2.15 5.01 18.99
CA GLU A 12 3.38 5.66 18.56
C GLU A 12 4.28 4.72 17.78
N ARG A 13 4.36 3.46 18.21
CA ARG A 13 5.11 2.46 17.45
C ARG A 13 4.52 2.24 16.07
N SER A 14 3.18 2.20 15.99
CA SER A 14 2.52 2.07 14.70
C SER A 14 2.82 3.26 13.81
N LYS A 15 2.89 4.47 14.38
CA LYS A 15 3.21 5.65 13.60
C LYS A 15 4.65 5.64 13.11
N MET A 16 5.57 5.14 13.94
CA MET A 16 6.95 4.96 13.49
C MET A 16 7.02 3.98 12.32
N ILE A 17 6.25 2.89 12.41
CA ILE A 17 6.19 1.93 11.32
C ILE A 17 5.61 2.56 10.07
N ASP A 18 4.57 3.40 10.24
CA ASP A 18 3.97 4.08 9.11
C ASP A 18 4.97 4.98 8.41
N ARG A 19 5.74 5.76 9.19
CA ARG A 19 6.76 6.61 8.58
C ARG A 19 7.77 5.76 7.82
N ASN A 20 8.35 4.75 8.47
CA ASN A 20 9.37 3.93 7.83
C ASN A 20 8.85 3.27 6.55
N LEU A 21 7.59 2.84 6.57
CA LEU A 21 6.97 2.33 5.35
C LEU A 21 6.88 3.41 4.28
N ARG A 22 6.64 4.67 4.69
CA ARG A 22 6.57 5.73 3.71
C ARG A 22 7.93 6.02 3.07
N GLU A 23 9.02 6.07 3.84
CA GLU A 23 10.32 6.22 3.18
C GLU A 23 10.65 5.00 2.32
N ASP A 24 10.25 3.80 2.76
CA ASP A 24 10.48 2.63 1.90
C ASP A 24 9.74 2.74 0.58
N GLY A 25 8.48 3.20 0.63
CA GLY A 25 7.72 3.35 -0.61
C GLY A 25 8.25 4.44 -1.50
N GLU A 26 8.70 5.56 -0.91
CA GLU A 26 9.30 6.62 -1.71
C GLU A 26 10.60 6.17 -2.36
N LYS A 27 11.40 5.37 -1.64
CA LYS A 27 12.61 4.82 -2.25
C LYS A 27 12.27 3.85 -3.38
N ALA A 28 11.24 3.02 -3.19
CA ALA A 28 10.86 2.06 -4.22
C ALA A 28 10.20 2.71 -5.42
N ALA A 29 9.61 3.90 -5.26
CA ALA A 29 8.93 4.55 -6.38
C ALA A 29 9.91 5.12 -7.38
N ARG A 30 11.11 5.48 -6.94
CA ARG A 30 12.13 6.03 -7.85
C ARG A 30 12.91 4.96 -8.59
N GLU A 31 12.78 3.69 -8.19
CA GLU A 31 13.48 2.61 -8.88
C GLU A 31 12.73 2.23 -10.15
N VAL A 32 13.49 1.75 -11.13
CA VAL A 32 12.93 1.34 -12.41
C VAL A 32 12.83 -0.18 -12.41
N LYS A 33 11.61 -0.69 -12.54
CA LYS A 33 11.35 -2.12 -12.52
C LYS A 33 11.35 -2.63 -13.96
N LEU A 34 12.24 -3.57 -14.26
CA LEU A 34 12.36 -4.15 -15.58
C LEU A 34 12.14 -5.65 -15.51
N LEU A 35 11.26 -6.17 -16.35
CA LEU A 35 11.00 -7.59 -16.45
C LEU A 35 11.80 -8.15 -17.62
N LEU A 36 12.79 -8.99 -17.33
CA LEU A 36 13.65 -9.58 -18.33
C LEU A 36 13.05 -10.88 -18.81
N LEU A 37 12.80 -10.99 -20.12
CA LEU A 37 12.15 -12.14 -20.70
C LEU A 37 12.91 -12.60 -21.93
N GLY A 38 12.68 -13.86 -22.31
CA GLY A 38 13.31 -14.45 -23.47
C GLY A 38 13.09 -15.95 -23.51
N ALA A 39 13.27 -16.55 -24.68
CA ALA A 39 13.07 -18.00 -24.84
C ALA A 39 14.39 -18.69 -24.51
N GLY A 40 14.47 -19.23 -23.31
CA GLY A 40 15.65 -19.96 -22.90
C GLY A 40 16.85 -19.05 -22.65
N GLU A 41 18.01 -19.68 -22.53
CA GLU A 41 19.28 -18.97 -22.32
C GLU A 41 19.82 -18.56 -23.69
N SER A 42 19.30 -17.46 -24.22
CA SER A 42 19.68 -16.98 -25.54
C SER A 42 20.53 -15.72 -25.47
N GLY A 43 20.04 -14.67 -24.81
CA GLY A 43 20.82 -13.46 -24.66
C GLY A 43 20.63 -12.78 -23.32
N LYS A 44 19.93 -13.45 -22.40
CA LYS A 44 19.71 -12.88 -21.08
C LYS A 44 21.01 -12.70 -20.31
N ASN A 45 21.90 -13.70 -20.37
CA ASN A 45 23.10 -13.67 -19.56
C ASN A 45 24.05 -12.55 -19.97
N THR A 46 24.27 -12.39 -21.29
CA THR A 46 25.18 -11.34 -21.74
C THR A 46 24.60 -9.95 -21.47
N ILE A 47 23.27 -9.81 -21.57
CA ILE A 47 22.63 -8.55 -21.22
C ILE A 47 22.80 -8.24 -19.74
N VAL A 48 22.63 -9.26 -18.89
CA VAL A 48 22.77 -9.07 -17.45
C VAL A 48 24.20 -8.66 -17.10
N LYS A 49 25.19 -9.34 -17.70
CA LYS A 49 26.58 -8.95 -17.48
C LYS A 49 26.88 -7.56 -18.03
N GLN A 50 26.22 -7.15 -19.12
CA GLN A 50 26.43 -5.80 -19.65
C GLN A 50 25.85 -4.74 -18.73
N MET A 51 24.71 -5.02 -18.11
CA MET A 51 24.13 -4.08 -17.15
C MET A 51 24.96 -4.03 -15.86
N LYS A 52 25.33 -5.20 -15.34
CA LYS A 52 26.10 -5.28 -14.10
C LYS A 52 27.46 -5.92 -14.35
N THR A 180 15.86 -22.18 -6.97
CA THR A 180 16.15 -20.92 -7.64
C THR A 180 14.92 -20.40 -8.37
N GLY A 181 14.43 -19.23 -7.95
CA GLY A 181 13.23 -18.66 -8.51
C GLY A 181 13.48 -17.46 -9.40
N ILE A 182 13.25 -16.27 -8.85
CA ILE A 182 13.42 -15.02 -9.57
C ILE A 182 14.79 -14.43 -9.23
N VAL A 183 15.48 -13.92 -10.24
CA VAL A 183 16.81 -13.36 -10.08
C VAL A 183 16.71 -11.84 -10.07
N GLU A 184 17.27 -11.22 -9.04
CA GLU A 184 17.26 -9.77 -8.89
C GLU A 184 18.58 -9.22 -9.40
N THR A 185 18.51 -8.21 -10.28
CA THR A 185 19.69 -7.54 -10.80
C THR A 185 19.53 -6.04 -10.55
N HIS A 186 20.51 -5.46 -9.87
CA HIS A 186 20.51 -4.04 -9.53
C HIS A 186 21.67 -3.35 -10.21
N PHE A 187 21.38 -2.26 -10.93
CA PHE A 187 22.42 -1.44 -11.51
C PHE A 187 21.94 0.00 -11.58
N THR A 188 22.90 0.93 -11.54
CA THR A 188 22.62 2.35 -11.53
C THR A 188 23.23 2.98 -12.77
N PHE A 189 22.45 3.79 -13.47
CA PHE A 189 22.92 4.48 -14.67
C PHE A 189 22.35 5.89 -14.68
N LYS A 190 23.24 6.88 -14.71
CA LYS A 190 22.87 8.30 -14.72
C LYS A 190 21.96 8.65 -13.54
N ASP A 191 22.41 8.26 -12.34
CA ASP A 191 21.71 8.53 -11.08
C ASP A 191 20.30 7.96 -11.08
N LEU A 192 20.08 6.87 -11.80
CA LEU A 192 18.78 6.20 -11.85
C LEU A 192 19.00 4.73 -11.50
N HIS A 193 18.31 4.26 -10.46
CA HIS A 193 18.46 2.89 -10.02
C HIS A 193 17.49 1.98 -10.76
N PHE A 194 17.99 0.82 -11.19
CA PHE A 194 17.23 -0.11 -12.00
C PHE A 194 17.07 -1.42 -11.27
N LYS A 195 15.85 -1.96 -11.29
CA LYS A 195 15.55 -3.29 -10.76
C LYS A 195 15.16 -4.17 -11.95
N MET A 196 16.04 -5.10 -12.30
CA MET A 196 15.80 -6.00 -13.42
C MET A 196 15.54 -7.40 -12.86
N PHE A 197 14.40 -7.98 -13.22
CA PHE A 197 13.98 -9.27 -12.71
C PHE A 197 14.03 -10.32 -13.81
N ASP A 198 14.74 -11.40 -13.55
CA ASP A 198 14.85 -12.52 -14.48
C ASP A 198 13.94 -13.64 -14.00
N VAL A 199 12.94 -13.98 -14.81
CA VAL A 199 12.00 -15.03 -14.47
C VAL A 199 12.35 -16.34 -15.17
N GLY A 200 13.61 -16.52 -15.57
CA GLY A 200 14.06 -17.80 -16.05
C GLY A 200 14.10 -18.83 -14.95
N ALA A 201 14.11 -20.11 -15.35
CA ALA A 201 14.05 -21.26 -14.46
C ALA A 201 12.77 -21.31 -13.64
N GLN A 202 11.79 -20.46 -13.97
CA GLN A 202 10.46 -20.52 -13.38
C GLN A 202 9.57 -21.26 -14.38
N ARG A 203 9.73 -22.58 -14.42
CA ARG A 203 9.01 -23.43 -15.36
C ARG A 203 7.63 -23.73 -14.79
N SER A 204 6.74 -22.74 -14.90
CA SER A 204 5.39 -22.87 -14.38
C SER A 204 4.44 -22.14 -15.33
N GLU A 205 3.17 -22.09 -14.97
CA GLU A 205 2.20 -21.36 -15.77
C GLU A 205 2.42 -19.87 -15.57
N ARG A 206 2.74 -19.16 -16.67
CA ARG A 206 3.05 -17.74 -16.58
C ARG A 206 1.85 -16.94 -16.12
N LYS A 207 0.65 -17.30 -16.60
CA LYS A 207 -0.56 -16.54 -16.29
C LYS A 207 -0.87 -16.52 -14.80
N LYS A 208 -0.33 -17.45 -14.02
CA LYS A 208 -0.55 -17.46 -12.58
C LYS A 208 0.36 -16.51 -11.82
N TRP A 209 1.42 -16.01 -12.45
CA TRP A 209 2.32 -15.08 -11.77
C TRP A 209 2.74 -13.89 -12.64
N ILE A 210 2.28 -13.79 -13.88
CA ILE A 210 2.68 -12.68 -14.74
C ILE A 210 2.01 -11.38 -14.35
N HIS A 211 0.93 -11.43 -13.57
CA HIS A 211 0.29 -10.22 -13.07
C HIS A 211 1.08 -9.56 -11.94
N CYS A 212 2.07 -10.25 -11.37
CA CYS A 212 2.91 -9.65 -10.35
C CYS A 212 3.78 -8.54 -10.92
N PHE A 213 4.05 -8.59 -12.23
CA PHE A 213 4.85 -7.59 -12.91
C PHE A 213 4.01 -6.62 -13.72
N GLU A 214 2.75 -6.42 -13.33
CA GLU A 214 1.87 -5.51 -14.06
C GLU A 214 2.38 -4.08 -14.02
N GLY A 215 3.03 -3.68 -12.92
CA GLY A 215 3.47 -2.30 -12.78
C GLY A 215 4.93 -2.04 -13.09
N VAL A 216 5.57 -2.94 -13.84
CA VAL A 216 6.96 -2.70 -14.21
C VAL A 216 7.06 -1.56 -15.21
N THR A 217 8.21 -0.88 -15.20
CA THR A 217 8.41 0.25 -16.11
C THR A 217 8.45 -0.21 -17.56
N ALA A 218 9.16 -1.29 -17.84
CA ALA A 218 9.27 -1.81 -19.19
C ALA A 218 9.62 -3.29 -19.14
N ILE A 219 9.44 -3.95 -20.28
CA ILE A 219 9.79 -5.35 -20.44
C ILE A 219 10.98 -5.42 -21.39
N ILE A 220 12.07 -6.03 -20.94
CA ILE A 220 13.25 -6.23 -21.77
C ILE A 220 13.18 -7.65 -22.31
N PHE A 221 12.91 -7.78 -23.60
CA PHE A 221 12.78 -9.07 -24.26
C PHE A 221 14.04 -9.33 -25.05
N CYS A 222 14.72 -10.43 -24.74
CA CYS A 222 15.97 -10.79 -25.38
C CYS A 222 15.74 -11.94 -26.35
N VAL A 223 16.04 -11.71 -27.63
CA VAL A 223 15.92 -12.72 -28.67
C VAL A 223 17.26 -12.85 -29.36
N ALA A 224 17.81 -14.06 -29.35
CA ALA A 224 19.02 -14.32 -30.12
C ALA A 224 18.71 -14.28 -31.61
N LEU A 225 19.59 -13.66 -32.39
CA LEU A 225 19.42 -13.63 -33.83
C LEU A 225 19.95 -14.88 -34.52
N SER A 226 20.74 -15.68 -33.82
CA SER A 226 21.43 -16.82 -34.43
C SER A 226 20.67 -18.13 -34.30
N ASP A 227 19.56 -18.16 -33.55
CA ASP A 227 18.81 -19.39 -33.35
C ASP A 227 17.63 -19.52 -34.31
N TYR A 228 17.67 -18.81 -35.45
CA TYR A 228 16.59 -18.94 -36.43
C TYR A 228 16.61 -20.29 -37.12
N ASP A 229 17.79 -20.91 -37.24
CA ASP A 229 17.91 -22.24 -37.82
C ASP A 229 18.05 -23.34 -36.77
N LEU A 230 18.31 -22.99 -35.51
CA LEU A 230 18.45 -23.98 -34.46
C LEU A 230 17.09 -24.58 -34.11
N VAL A 231 17.13 -25.78 -33.53
CA VAL A 231 15.94 -26.47 -33.05
C VAL A 231 15.88 -26.33 -31.54
N LEU A 232 14.65 -26.30 -31.00
CA LEU A 232 14.48 -26.10 -29.57
C LEU A 232 14.90 -27.33 -28.77
N ALA A 233 14.97 -28.50 -29.42
CA ALA A 233 15.34 -29.79 -28.86
C ALA A 233 14.35 -30.30 -27.82
N GLU A 234 13.25 -29.58 -27.57
CA GLU A 234 12.22 -30.06 -26.67
C GLU A 234 11.05 -30.69 -27.40
N ASP A 235 10.72 -30.18 -28.59
CA ASP A 235 9.67 -30.72 -29.42
C ASP A 235 10.22 -31.04 -30.81
N GLU A 236 9.61 -32.02 -31.46
CA GLU A 236 10.03 -32.39 -32.81
C GLU A 236 9.64 -31.30 -33.80
N GLU A 237 10.59 -30.97 -34.68
CA GLU A 237 10.41 -29.91 -35.70
C GLU A 237 10.01 -28.59 -35.06
N MET A 238 10.66 -28.25 -33.95
CA MET A 238 10.38 -27.03 -33.21
C MET A 238 11.52 -26.04 -33.40
N ASN A 239 11.17 -24.81 -33.77
CA ASN A 239 12.15 -23.77 -34.04
C ASN A 239 12.28 -22.85 -32.83
N ARG A 240 13.53 -22.53 -32.47
CA ARG A 240 13.77 -21.61 -31.37
C ARG A 240 13.24 -20.21 -31.68
N MET A 241 13.41 -19.77 -32.93
CA MET A 241 12.94 -18.45 -33.31
C MET A 241 11.41 -18.36 -33.24
N HIS A 242 10.71 -19.41 -33.67
CA HIS A 242 9.26 -19.41 -33.56
C HIS A 242 8.80 -19.48 -32.12
N ALA A 243 9.55 -20.19 -31.26
CA ALA A 243 9.24 -20.20 -29.85
C ALA A 243 9.39 -18.81 -29.25
N SER A 244 10.46 -18.10 -29.62
CA SER A 244 10.65 -16.72 -29.18
C SER A 244 9.51 -15.83 -29.69
N MET A 245 9.08 -16.05 -30.94
CA MET A 245 8.01 -15.25 -31.51
C MET A 245 6.69 -15.49 -30.79
N LYS A 246 6.39 -16.74 -30.44
CA LYS A 246 5.15 -17.01 -29.72
C LYS A 246 5.21 -16.49 -28.28
N LEU A 247 6.38 -16.57 -27.65
CA LEU A 247 6.53 -15.98 -26.32
C LEU A 247 6.34 -14.46 -26.37
N PHE A 248 6.90 -13.82 -27.39
CA PHE A 248 6.71 -12.38 -27.58
C PHE A 248 5.25 -12.04 -27.86
N ASP A 249 4.57 -12.88 -28.63
CA ASP A 249 3.15 -12.67 -28.90
C ASP A 249 2.32 -12.78 -27.62
N SER A 250 2.64 -13.76 -26.77
CA SER A 250 1.89 -13.93 -25.52
C SER A 250 2.18 -12.79 -24.55
N ILE A 251 3.43 -12.31 -24.51
CA ILE A 251 3.80 -11.28 -23.54
C ILE A 251 3.30 -9.91 -23.99
N CYS A 252 3.54 -9.56 -25.26
CA CYS A 252 3.17 -8.24 -25.76
C CYS A 252 1.66 -8.04 -25.75
N ASN A 253 0.90 -9.06 -26.13
CA ASN A 253 -0.56 -8.98 -26.17
C ASN A 253 -1.20 -9.49 -24.89
N ASN A 254 -0.44 -9.56 -23.81
CA ASN A 254 -0.99 -9.97 -22.52
C ASN A 254 -1.90 -8.87 -21.97
N LYS A 255 -2.89 -9.28 -21.17
CA LYS A 255 -3.84 -8.33 -20.61
C LYS A 255 -3.20 -7.43 -19.57
N TRP A 256 -2.16 -7.92 -18.89
CA TRP A 256 -1.48 -7.14 -17.85
C TRP A 256 -0.45 -6.18 -18.40
N PHE A 257 -0.08 -6.30 -19.66
CA PHE A 257 0.93 -5.45 -20.29
C PHE A 257 0.35 -4.68 -21.47
N THR A 258 -0.85 -4.12 -21.29
CA THR A 258 -1.47 -3.36 -22.38
C THR A 258 -0.73 -2.05 -22.62
N ASP A 259 -0.30 -1.37 -21.57
CA ASP A 259 0.38 -0.09 -21.67
C ASP A 259 1.85 -0.17 -21.31
N THR A 260 2.42 -1.37 -21.28
CA THR A 260 3.80 -1.57 -20.88
C THR A 260 4.68 -1.62 -22.13
N SER A 261 5.65 -0.72 -22.21
CA SER A 261 6.58 -0.70 -23.34
C SER A 261 7.51 -1.89 -23.28
N ILE A 262 7.99 -2.30 -24.45
CA ILE A 262 8.86 -3.46 -24.58
C ILE A 262 10.17 -3.01 -25.21
N ILE A 263 11.28 -3.33 -24.55
CA ILE A 263 12.62 -3.07 -25.07
C ILE A 263 13.10 -4.39 -25.65
N LEU A 264 12.82 -4.61 -26.93
CA LEU A 264 13.22 -5.85 -27.59
C LEU A 264 14.69 -5.78 -27.96
N PHE A 265 15.46 -6.78 -27.52
CA PHE A 265 16.87 -6.88 -27.85
C PHE A 265 17.08 -8.06 -28.79
N LEU A 266 17.69 -7.78 -29.93
CA LEU A 266 18.01 -8.81 -30.92
C LEU A 266 19.50 -9.10 -30.79
N ASN A 267 19.82 -10.13 -30.01
CA ASN A 267 21.18 -10.35 -29.56
C ASN A 267 21.96 -11.18 -30.57
N LYS A 268 23.29 -11.18 -30.40
CA LYS A 268 24.22 -11.98 -31.19
C LYS A 268 24.12 -11.65 -32.67
N LYS A 269 24.29 -10.37 -33.00
CA LYS A 269 24.24 -9.97 -34.40
C LYS A 269 25.54 -10.30 -35.12
N ASP A 270 26.63 -10.54 -34.39
CA ASP A 270 27.87 -10.96 -35.04
C ASP A 270 27.79 -12.41 -35.51
N LEU A 271 27.24 -13.29 -34.67
CA LEU A 271 27.05 -14.67 -35.08
C LEU A 271 26.04 -14.77 -36.21
N PHE A 272 24.99 -13.96 -36.16
CA PHE A 272 24.02 -13.91 -37.25
C PHE A 272 24.64 -13.34 -38.52
N GLU A 273 25.60 -12.41 -38.36
CA GLU A 273 26.40 -11.94 -39.49
C GLU A 273 27.18 -13.08 -40.12
N GLU A 274 27.89 -13.85 -39.31
CA GLU A 274 28.82 -14.84 -39.85
C GLU A 274 28.16 -16.13 -40.26
N LYS A 275 26.92 -16.39 -39.84
CA LYS A 275 26.26 -17.66 -40.13
C LYS A 275 25.15 -17.56 -41.17
N ILE A 276 24.73 -16.34 -41.54
CA ILE A 276 23.68 -16.21 -42.53
C ILE A 276 24.15 -16.58 -43.93
N LYS A 277 25.46 -16.45 -44.19
CA LYS A 277 26.00 -16.86 -45.49
C LYS A 277 25.90 -18.37 -45.68
N LYS A 278 26.18 -19.14 -44.62
CA LYS A 278 26.12 -20.59 -44.72
C LYS A 278 24.68 -21.09 -44.77
N SER A 279 23.81 -20.54 -43.92
CA SER A 279 22.43 -20.99 -43.81
C SER A 279 21.48 -19.84 -44.13
N PRO A 280 20.65 -19.96 -45.17
CA PRO A 280 19.71 -18.89 -45.49
C PRO A 280 18.60 -18.79 -44.46
N LEU A 281 18.02 -17.59 -44.38
CA LEU A 281 16.92 -17.34 -43.45
C LEU A 281 15.60 -17.97 -43.92
N THR A 282 15.51 -18.36 -45.19
CA THR A 282 14.29 -18.97 -45.70
C THR A 282 13.95 -20.28 -45.01
N ILE A 283 14.92 -20.94 -44.38
CA ILE A 283 14.64 -22.16 -43.63
C ILE A 283 13.82 -21.85 -42.38
N CYS A 284 13.85 -20.61 -41.90
CA CYS A 284 13.04 -20.20 -40.76
C CYS A 284 11.74 -19.56 -41.21
N TYR A 285 11.80 -18.59 -42.13
CA TYR A 285 10.63 -17.94 -42.68
C TYR A 285 10.47 -18.34 -44.14
N PRO A 286 9.56 -19.25 -44.47
CA PRO A 286 9.39 -19.64 -45.87
C PRO A 286 8.93 -18.50 -46.77
N GLU A 287 8.24 -17.51 -46.23
CA GLU A 287 7.75 -16.39 -47.01
C GLU A 287 8.80 -15.31 -47.24
N TYR A 288 9.99 -15.46 -46.67
CA TYR A 288 11.04 -14.49 -46.87
C TYR A 288 11.61 -14.59 -48.28
N ALA A 289 11.58 -13.48 -49.01
CA ALA A 289 12.04 -13.44 -50.38
C ALA A 289 13.16 -12.43 -50.61
N GLY A 290 13.71 -11.85 -49.54
CA GLY A 290 14.77 -10.89 -49.68
C GLY A 290 16.12 -11.53 -49.86
N SER A 291 17.12 -10.68 -50.10
CA SER A 291 18.48 -11.15 -50.29
C SER A 291 19.09 -11.59 -48.96
N ASN A 292 20.12 -12.42 -49.05
CA ASN A 292 20.79 -12.97 -47.87
C ASN A 292 21.86 -12.01 -47.35
N THR A 293 21.42 -10.79 -47.05
CA THR A 293 22.27 -9.79 -46.43
C THR A 293 21.83 -9.56 -45.00
N TYR A 294 22.78 -9.16 -44.15
CA TYR A 294 22.49 -8.99 -42.73
C TYR A 294 21.49 -7.87 -42.49
N GLU A 295 21.62 -6.75 -43.21
CA GLU A 295 20.75 -5.60 -42.96
C GLU A 295 19.30 -5.91 -43.33
N GLU A 296 19.08 -6.44 -44.53
CA GLU A 296 17.72 -6.73 -44.98
C GLU A 296 17.08 -7.83 -44.14
N ALA A 297 17.83 -8.88 -43.82
CA ALA A 297 17.29 -9.97 -43.00
C ALA A 297 17.01 -9.51 -41.57
N ALA A 298 17.89 -8.69 -41.01
CA ALA A 298 17.66 -8.16 -39.66
C ALA A 298 16.44 -7.25 -39.64
N ALA A 299 16.27 -6.42 -40.68
CA ALA A 299 15.08 -5.59 -40.77
C ALA A 299 13.82 -6.44 -40.89
N TYR A 300 13.88 -7.52 -41.67
CA TYR A 300 12.74 -8.43 -41.79
C TYR A 300 12.42 -9.09 -40.46
N ILE A 301 13.44 -9.51 -39.72
CA ILE A 301 13.25 -10.14 -38.42
C ILE A 301 12.60 -9.16 -37.44
N GLN A 302 13.11 -7.92 -37.41
CA GLN A 302 12.55 -6.91 -36.54
C GLN A 302 11.10 -6.60 -36.92
N CYS A 303 10.80 -6.56 -38.22
CA CYS A 303 9.43 -6.34 -38.66
C CYS A 303 8.53 -7.49 -38.24
N GLN A 304 9.02 -8.73 -38.33
CA GLN A 304 8.22 -9.88 -37.91
C GLN A 304 7.93 -9.83 -36.42
N PHE A 305 8.90 -9.38 -35.61
CA PHE A 305 8.66 -9.29 -34.17
C PHE A 305 7.72 -8.14 -33.84
N GLU A 306 7.85 -7.00 -34.52
CA GLU A 306 6.95 -5.88 -34.25
C GLU A 306 5.56 -6.11 -34.81
N ASP A 307 5.39 -7.01 -35.77
CA ASP A 307 4.07 -7.31 -36.29
C ASP A 307 3.21 -8.09 -35.30
N LEU A 308 3.84 -8.72 -34.31
CA LEU A 308 3.10 -9.42 -33.26
C LEU A 308 2.41 -8.47 -32.30
N ASN A 309 2.70 -7.17 -32.37
CA ASN A 309 2.09 -6.18 -31.50
C ASN A 309 0.71 -5.82 -32.06
N LYS A 310 -0.34 -6.25 -31.37
CA LYS A 310 -1.71 -5.92 -31.74
C LYS A 310 -2.22 -4.67 -31.03
N ARG A 311 -1.37 -4.03 -30.24
CA ARG A 311 -1.76 -2.84 -29.49
C ARG A 311 -0.87 -1.66 -29.84
N LYS A 312 -0.65 -1.44 -31.14
CA LYS A 312 0.26 -0.39 -31.58
C LYS A 312 -0.24 1.01 -31.23
N ASP A 313 -1.53 1.15 -30.92
CA ASP A 313 -2.08 2.45 -30.58
C ASP A 313 -1.88 2.83 -29.11
N THR A 314 -1.41 1.90 -28.28
CA THR A 314 -1.24 2.17 -26.86
C THR A 314 0.11 1.74 -26.29
N LYS A 315 0.97 1.12 -27.10
CA LYS A 315 2.32 0.81 -26.67
C LYS A 315 3.24 0.85 -27.88
N GLU A 316 4.53 1.03 -27.61
CA GLU A 316 5.54 1.10 -28.66
C GLU A 316 6.69 0.18 -28.28
N ILE A 317 7.31 -0.43 -29.28
CA ILE A 317 8.33 -1.45 -29.08
C ILE A 317 9.68 -0.88 -29.49
N TYR A 318 10.64 -0.92 -28.57
CA TYR A 318 11.99 -0.44 -28.82
C TYR A 318 12.87 -1.63 -29.20
N THR A 319 13.41 -1.59 -30.41
CA THR A 319 14.24 -2.67 -30.93
C THR A 319 15.67 -2.20 -31.07
N HIS A 320 16.60 -2.96 -30.49
CA HIS A 320 18.02 -2.64 -30.55
C HIS A 320 18.81 -3.91 -30.86
N PHE A 321 19.87 -3.75 -31.66
CA PHE A 321 20.72 -4.86 -32.04
C PHE A 321 21.99 -4.82 -31.19
N THR A 322 22.26 -5.91 -30.47
CA THR A 322 23.37 -5.97 -29.53
C THR A 322 24.40 -6.98 -30.02
N CYS A 323 25.68 -6.67 -29.82
CA CYS A 323 26.75 -7.60 -30.10
C CYS A 323 27.08 -8.40 -28.84
N SER A 324 28.14 -9.21 -28.92
CA SER A 324 28.62 -9.92 -27.74
C SER A 324 29.15 -8.95 -26.70
N THR A 325 29.84 -7.90 -27.13
CA THR A 325 30.34 -6.84 -26.26
C THR A 325 29.83 -5.50 -26.80
N ASP A 326 28.65 -5.10 -26.34
CA ASP A 326 28.01 -3.86 -26.74
C ASP A 326 27.83 -2.98 -25.52
N THR A 327 28.32 -1.73 -25.58
CA THR A 327 28.30 -0.87 -24.41
C THR A 327 27.06 0.00 -24.35
N LYS A 328 26.48 0.32 -25.51
CA LYS A 328 25.36 1.26 -25.58
C LYS A 328 24.00 0.62 -25.25
N ASN A 329 23.97 -0.65 -24.85
CA ASN A 329 22.70 -1.28 -24.50
C ASN A 329 22.08 -0.65 -23.27
N VAL A 330 22.92 -0.30 -22.28
CA VAL A 330 22.43 0.34 -21.08
C VAL A 330 21.87 1.72 -21.41
N GLN A 331 22.52 2.44 -22.33
CA GLN A 331 22.00 3.74 -22.77
C GLN A 331 20.68 3.58 -23.49
N PHE A 332 20.54 2.55 -24.32
CA PHE A 332 19.27 2.32 -25.00
C PHE A 332 18.15 2.01 -24.01
N VAL A 333 18.45 1.20 -23.00
CA VAL A 333 17.48 0.91 -21.96
C VAL A 333 17.11 2.18 -21.21
N PHE A 334 18.11 3.02 -20.92
CA PHE A 334 17.85 4.28 -20.23
C PHE A 334 16.95 5.20 -21.05
N ASP A 335 17.18 5.27 -22.36
CA ASP A 335 16.35 6.10 -23.22
C ASP A 335 14.91 5.61 -23.28
N ALA A 336 14.72 4.30 -23.43
CA ALA A 336 13.37 3.75 -23.44
C ALA A 336 12.66 3.97 -22.11
N VAL A 337 13.39 3.78 -21.00
CA VAL A 337 12.82 3.99 -19.67
C VAL A 337 12.49 5.46 -19.46
N THR A 338 13.31 6.36 -20.00
CA THR A 338 13.03 7.79 -19.90
C THR A 338 11.77 8.14 -20.68
N ASP A 339 11.57 7.55 -21.85
CA ASP A 339 10.33 7.77 -22.59
C ASP A 339 9.12 7.27 -21.80
N VAL A 340 9.24 6.09 -21.18
CA VAL A 340 8.16 5.55 -20.36
C VAL A 340 7.88 6.47 -19.18
N ILE A 341 8.92 7.00 -18.56
CA ILE A 341 8.78 7.88 -17.40
C ILE A 341 8.13 9.20 -17.82
N ILE A 342 8.47 9.70 -19.02
CA ILE A 342 7.81 10.89 -19.56
C ILE A 342 6.32 10.62 -19.73
N LYS A 343 5.96 9.46 -20.29
CA LYS A 343 4.55 9.12 -20.46
C LYS A 343 3.83 9.02 -19.12
N ASN A 344 4.47 8.40 -18.13
CA ASN A 344 3.88 8.30 -16.80
C ASN A 344 3.71 9.66 -16.15
N ASN A 345 4.70 10.55 -16.34
CA ASN A 345 4.59 11.91 -15.82
C ASN A 345 3.45 12.66 -16.48
N LEU A 346 3.27 12.47 -17.79
CA LEU A 346 2.20 13.14 -18.50
C LEU A 346 0.83 12.61 -18.09
N LYS A 347 0.71 11.31 -17.84
CA LYS A 347 -0.59 10.80 -17.39
C LYS A 347 -0.85 11.17 -15.93
N ASP A 348 0.21 11.42 -15.16
CA ASP A 348 0.01 11.94 -13.81
C ASP A 348 -0.47 13.38 -13.83
N CYS A 349 -0.02 14.18 -14.78
CA CYS A 349 -0.42 15.57 -14.90
C CYS A 349 -1.65 15.77 -15.78
N GLY A 350 -2.24 14.70 -16.29
CA GLY A 350 -3.45 14.79 -17.08
C GLY A 350 -3.27 15.03 -18.55
N LEU A 351 -2.03 14.99 -19.05
CA LEU A 351 -1.78 15.20 -20.47
C LEU A 351 -1.75 13.92 -21.28
N PHE A 352 -1.80 12.76 -20.63
CA PHE A 352 -1.69 11.48 -21.32
C PHE A 352 -2.85 10.56 -20.94
N SER B 1 1.61 -54.10 -26.18
CA SER B 1 1.94 -52.82 -25.56
C SER B 1 1.35 -52.73 -24.15
N GLU B 2 2.23 -52.67 -23.14
CA GLU B 2 1.76 -52.58 -21.76
C GLU B 2 1.23 -51.19 -21.45
N LEU B 3 1.72 -50.15 -22.13
CA LEU B 3 1.26 -48.80 -21.88
C LEU B 3 -0.21 -48.64 -22.27
N ASP B 4 -0.60 -49.22 -23.42
CA ASP B 4 -2.00 -49.14 -23.85
C ASP B 4 -2.90 -49.89 -22.88
N GLN B 5 -2.47 -51.06 -22.42
CA GLN B 5 -3.27 -51.82 -21.45
C GLN B 5 -3.41 -51.05 -20.14
N LEU B 6 -2.33 -50.41 -19.68
CA LEU B 6 -2.41 -49.64 -18.45
C LEU B 6 -3.28 -48.40 -18.60
N ARG B 7 -3.25 -47.74 -19.77
CA ARG B 7 -4.15 -46.63 -20.02
C ARG B 7 -5.60 -47.11 -20.03
N GLN B 8 -5.86 -48.28 -20.62
CA GLN B 8 -7.21 -48.83 -20.60
C GLN B 8 -7.66 -49.15 -19.17
N GLU B 9 -6.76 -49.69 -18.36
CA GLU B 9 -7.09 -49.98 -16.96
C GLU B 9 -7.36 -48.69 -16.19
N ALA B 10 -6.59 -47.64 -16.45
CA ALA B 10 -6.84 -46.35 -15.80
C ALA B 10 -8.18 -45.77 -16.21
N GLU B 11 -8.53 -45.88 -17.50
CA GLU B 11 -9.84 -45.42 -17.96
C GLU B 11 -10.97 -46.22 -17.32
N GLN B 12 -10.78 -47.54 -17.19
CA GLN B 12 -11.79 -48.38 -16.54
C GLN B 12 -11.94 -48.01 -15.07
N LEU B 13 -10.83 -47.73 -14.39
CA LEU B 13 -10.90 -47.33 -12.99
C LEU B 13 -11.58 -45.98 -12.82
N LYS B 14 -11.30 -45.04 -13.73
CA LYS B 14 -12.00 -43.75 -13.70
C LYS B 14 -13.49 -43.93 -13.93
N ASN B 15 -13.86 -44.81 -14.86
CA ASN B 15 -15.27 -45.08 -15.11
C ASN B 15 -15.94 -45.72 -13.89
N GLN B 16 -15.23 -46.62 -13.22
CA GLN B 16 -15.77 -47.24 -12.00
C GLN B 16 -15.95 -46.20 -10.89
N ILE B 17 -14.99 -45.28 -10.74
CA ILE B 17 -15.11 -44.23 -9.75
C ILE B 17 -16.31 -43.32 -10.07
N ARG B 18 -16.46 -42.96 -11.33
CA ARG B 18 -17.59 -42.14 -11.75
C ARG B 18 -18.92 -42.85 -11.51
N ASP B 19 -18.98 -44.15 -11.81
CA ASP B 19 -20.21 -44.91 -11.60
C ASP B 19 -20.53 -45.03 -10.12
N ALA B 20 -19.51 -45.22 -9.28
CA ALA B 20 -19.74 -45.25 -7.83
C ALA B 20 -20.25 -43.93 -7.32
N ARG B 21 -19.69 -42.82 -7.82
CA ARG B 21 -20.17 -41.50 -7.43
C ARG B 21 -21.60 -41.28 -7.88
N LYS B 22 -21.94 -41.72 -9.09
CA LYS B 22 -23.29 -41.53 -9.61
C LYS B 22 -24.30 -42.37 -8.85
N ALA B 23 -24.01 -43.64 -8.61
CA ALA B 23 -24.92 -44.52 -7.89
C ALA B 23 -24.98 -44.16 -6.41
N CYS B 24 -23.97 -43.48 -5.88
CA CYS B 24 -23.99 -43.03 -4.51
C CYS B 24 -24.78 -41.74 -4.32
N ALA B 25 -25.20 -41.09 -5.40
CA ALA B 25 -25.98 -39.87 -5.33
C ALA B 25 -27.46 -40.20 -5.51
N ASP B 26 -28.26 -39.83 -4.51
CA ASP B 26 -29.71 -40.04 -4.55
C ASP B 26 -30.49 -38.74 -4.52
N ALA B 27 -30.18 -37.85 -3.57
CA ALA B 27 -30.85 -36.56 -3.45
C ALA B 27 -29.81 -35.48 -3.23
N THR B 28 -29.80 -34.48 -4.11
CA THR B 28 -28.79 -33.44 -4.06
C THR B 28 -28.98 -32.55 -2.83
N LEU B 29 -27.97 -31.73 -2.57
CA LEU B 29 -28.02 -30.80 -1.43
C LEU B 29 -29.13 -29.78 -1.60
N SER B 30 -29.34 -29.29 -2.83
CA SER B 30 -30.42 -28.33 -3.07
C SER B 30 -31.78 -28.94 -2.78
N GLN B 31 -31.99 -30.19 -3.19
CA GLN B 31 -33.30 -30.83 -3.03
C GLN B 31 -33.68 -31.02 -1.56
N ILE B 32 -32.72 -31.05 -0.65
CA ILE B 32 -33.02 -31.30 0.76
C ILE B 32 -32.92 -29.99 1.54
N THR B 33 -32.19 -29.01 1.00
CA THR B 33 -32.12 -27.71 1.63
C THR B 33 -33.17 -26.72 1.14
N ASN B 34 -33.96 -27.08 0.12
CA ASN B 34 -35.02 -26.20 -0.31
C ASN B 34 -36.14 -26.06 0.71
N ASN B 35 -36.18 -26.93 1.71
CA ASN B 35 -37.24 -26.92 2.72
C ASN B 35 -36.82 -26.17 3.98
N ILE B 36 -35.64 -25.56 3.99
CA ILE B 36 -35.16 -24.82 5.15
C ILE B 36 -35.22 -23.33 4.83
N ASP B 37 -35.24 -22.52 5.89
CA ASP B 37 -35.35 -21.08 5.72
C ASP B 37 -34.06 -20.51 5.16
N PRO B 38 -34.14 -19.54 4.25
CA PRO B 38 -32.92 -18.88 3.76
C PRO B 38 -32.37 -17.92 4.80
N VAL B 39 -31.13 -17.50 4.58
CA VAL B 39 -30.46 -16.57 5.50
C VAL B 39 -30.88 -15.13 5.27
N GLY B 40 -31.68 -14.86 4.25
CA GLY B 40 -32.04 -13.49 3.95
C GLY B 40 -30.88 -12.76 3.30
N ARG B 41 -30.82 -11.45 3.53
CA ARG B 41 -29.76 -10.60 3.00
C ARG B 41 -28.74 -10.33 4.11
N ILE B 42 -27.48 -10.63 3.82
CA ILE B 42 -26.40 -10.44 4.77
C ILE B 42 -25.75 -9.09 4.45
N GLN B 43 -25.93 -8.12 5.33
CA GLN B 43 -25.39 -6.78 5.16
C GLN B 43 -24.18 -6.62 6.07
N MET B 44 -23.01 -6.44 5.48
CA MET B 44 -21.77 -6.21 6.22
C MET B 44 -21.22 -4.84 5.89
N ARG B 45 -20.74 -4.14 6.91
CA ARG B 45 -20.16 -2.82 6.77
C ARG B 45 -18.68 -2.86 7.10
N THR B 46 -17.90 -2.04 6.37
CA THR B 46 -16.47 -1.94 6.62
C THR B 46 -16.24 -1.30 7.99
N ARG B 47 -15.79 -2.11 8.94
CA ARG B 47 -15.56 -1.60 10.29
C ARG B 47 -14.18 -0.98 10.43
N ARG B 48 -13.16 -1.59 9.81
CA ARG B 48 -11.81 -1.07 9.84
C ARG B 48 -11.24 -1.08 8.44
N THR B 49 -10.36 -0.12 8.16
CA THR B 49 -9.61 -0.07 6.91
C THR B 49 -8.12 -0.02 7.27
N LEU B 50 -7.39 -1.05 6.92
CA LEU B 50 -5.97 -1.17 7.25
C LEU B 50 -5.14 -0.59 6.12
N ARG B 51 -4.61 0.62 6.35
CA ARG B 51 -3.80 1.32 5.38
C ARG B 51 -2.33 1.23 5.76
N GLY B 52 -1.46 1.23 4.75
CA GLY B 52 -0.03 1.15 4.98
C GLY B 52 0.72 0.33 3.96
N HIS B 53 0.05 -0.61 3.32
CA HIS B 53 0.63 -1.30 2.18
C HIS B 53 0.60 -0.38 0.96
N LEU B 54 1.65 -0.46 0.15
CA LEU B 54 1.80 0.42 -1.00
C LEU B 54 1.79 -0.32 -2.33
N ALA B 55 1.73 -1.65 -2.32
CA ALA B 55 1.57 -2.43 -3.54
C ALA B 55 0.35 -3.32 -3.40
N LYS B 56 0.10 -4.17 -4.40
CA LYS B 56 -1.04 -5.07 -4.35
C LYS B 56 -0.86 -6.08 -3.21
N ILE B 57 -1.87 -6.21 -2.37
CA ILE B 57 -1.86 -7.21 -1.31
C ILE B 57 -2.22 -8.55 -1.93
N TYR B 58 -1.35 -9.53 -1.73
CA TYR B 58 -1.55 -10.84 -2.34
C TYR B 58 -2.10 -11.88 -1.37
N ALA B 59 -1.84 -11.74 -0.08
CA ALA B 59 -2.28 -12.75 0.87
C ALA B 59 -2.52 -12.11 2.23
N MET B 60 -3.31 -12.83 3.03
CA MET B 60 -3.54 -12.50 4.43
C MET B 60 -3.65 -13.78 5.22
N HIS B 61 -3.58 -13.64 6.54
CA HIS B 61 -3.99 -14.73 7.43
C HIS B 61 -4.37 -14.13 8.77
N TRP B 62 -5.50 -14.59 9.31
CA TRP B 62 -5.97 -14.19 10.62
C TRP B 62 -5.21 -14.94 11.70
N GLY B 63 -5.07 -14.30 12.85
CA GLY B 63 -4.57 -14.98 14.02
C GLY B 63 -5.63 -15.83 14.68
N THR B 64 -5.16 -16.85 15.41
CA THR B 64 -6.08 -17.68 16.18
C THR B 64 -6.71 -16.95 17.35
N ASP B 65 -6.16 -15.80 17.74
CA ASP B 65 -6.80 -14.93 18.73
C ASP B 65 -7.85 -14.02 18.11
N SER B 66 -8.05 -14.09 16.80
CA SER B 66 -9.08 -13.37 16.07
C SER B 66 -8.90 -11.85 16.14
N ARG B 67 -7.71 -11.40 16.47
CA ARG B 67 -7.40 -9.98 16.58
C ARG B 67 -6.18 -9.58 15.77
N LEU B 68 -5.19 -10.46 15.67
CA LEU B 68 -3.95 -10.16 14.96
C LEU B 68 -4.02 -10.69 13.53
N LEU B 69 -3.65 -9.83 12.59
CA LEU B 69 -3.55 -10.17 11.17
C LEU B 69 -2.11 -10.14 10.71
N VAL B 70 -1.83 -10.87 9.65
CA VAL B 70 -0.62 -10.71 8.87
C VAL B 70 -1.04 -10.55 7.41
N SER B 71 -0.42 -9.59 6.72
CA SER B 71 -0.73 -9.34 5.33
C SER B 71 0.56 -9.29 4.53
N ALA B 72 0.48 -9.71 3.26
CA ALA B 72 1.62 -9.74 2.37
C ALA B 72 1.29 -8.95 1.11
N SER B 73 2.14 -7.98 0.79
CA SER B 73 2.01 -7.22 -0.44
C SER B 73 3.34 -7.23 -1.18
N GLN B 74 3.31 -6.80 -2.43
CA GLN B 74 4.49 -6.78 -3.28
C GLN B 74 5.47 -5.67 -2.93
N ASP B 75 5.21 -4.94 -1.84
CA ASP B 75 6.19 -4.01 -1.29
C ASP B 75 7.42 -4.71 -0.75
N GLY B 76 7.32 -6.02 -0.49
CA GLY B 76 8.35 -6.70 0.27
C GLY B 76 8.16 -6.55 1.76
N LYS B 77 6.93 -6.30 2.21
CA LYS B 77 6.64 -6.06 3.61
C LYS B 77 5.58 -7.03 4.10
N LEU B 78 5.87 -7.69 5.21
CA LEU B 78 4.87 -8.42 5.98
C LEU B 78 4.46 -7.53 7.14
N ILE B 79 3.26 -6.97 7.08
CA ILE B 79 2.73 -6.13 8.14
C ILE B 79 1.83 -6.99 9.02
N ILE B 80 2.03 -6.89 10.33
CA ILE B 80 1.15 -7.52 11.30
C ILE B 80 0.30 -6.43 11.93
N TRP B 81 -1.02 -6.59 11.84
CA TRP B 81 -1.97 -5.56 12.25
C TRP B 81 -2.67 -5.97 13.53
N ASP B 82 -2.91 -4.99 14.39
CA ASP B 82 -3.89 -5.13 15.46
C ASP B 82 -5.21 -4.64 14.89
N SER B 83 -6.07 -5.59 14.49
CA SER B 83 -7.28 -5.24 13.76
C SER B 83 -8.27 -4.45 14.61
N TYR B 84 -8.18 -4.55 15.94
CA TYR B 84 -9.09 -3.80 16.79
C TYR B 84 -8.77 -2.31 16.75
N THR B 85 -7.49 -1.96 16.80
CA THR B 85 -7.05 -0.58 16.86
C THR B 85 -6.45 -0.08 15.56
N THR B 86 -6.39 -0.90 14.51
CA THR B 86 -5.73 -0.60 13.24
C THR B 86 -4.28 -0.19 13.48
N ASN B 87 -3.64 -0.89 14.42
CA ASN B 87 -2.26 -0.62 14.79
C ASN B 87 -1.36 -1.67 14.15
N LYS B 88 -0.26 -1.20 13.57
CA LYS B 88 0.73 -2.10 12.97
C LYS B 88 1.64 -2.62 14.07
N VAL B 89 1.47 -3.90 14.42
CA VAL B 89 2.30 -4.50 15.46
C VAL B 89 3.73 -4.70 14.95
N HIS B 90 3.87 -5.22 13.74
CA HIS B 90 5.17 -5.46 13.15
C HIS B 90 5.15 -5.07 11.68
N ALA B 91 6.32 -4.72 11.15
CA ALA B 91 6.53 -4.57 9.72
C ALA B 91 7.79 -5.35 9.36
N ILE B 92 7.62 -6.45 8.64
CA ILE B 92 8.71 -7.38 8.36
C ILE B 92 9.17 -7.15 6.93
N PRO B 93 10.37 -6.62 6.70
CA PRO B 93 10.87 -6.51 5.32
C PRO B 93 11.31 -7.88 4.81
N LEU B 94 10.89 -8.20 3.59
CA LEU B 94 11.20 -9.47 2.97
C LEU B 94 12.37 -9.32 2.00
N ARG B 95 13.19 -10.37 1.93
CA ARG B 95 14.30 -10.35 0.98
C ARG B 95 13.79 -10.30 -0.45
N SER B 96 12.76 -11.09 -0.76
CA SER B 96 12.12 -11.08 -2.06
C SER B 96 10.74 -10.46 -1.93
N SER B 97 10.45 -9.46 -2.76
CA SER B 97 9.19 -8.74 -2.69
C SER B 97 8.07 -9.44 -3.45
N TRP B 98 8.36 -10.54 -4.13
CA TRP B 98 7.37 -11.23 -4.96
C TRP B 98 6.67 -12.32 -4.16
N VAL B 99 6.05 -11.88 -3.07
CA VAL B 99 5.38 -12.79 -2.14
C VAL B 99 3.99 -13.11 -2.68
N MET B 100 3.65 -14.40 -2.71
CA MET B 100 2.33 -14.86 -3.12
C MET B 100 1.45 -15.29 -1.95
N THR B 101 2.04 -15.68 -0.83
CA THR B 101 1.26 -16.22 0.27
C THR B 101 1.89 -15.81 1.60
N CYS B 102 1.06 -15.82 2.64
CA CYS B 102 1.54 -15.60 3.99
C CYS B 102 0.68 -16.40 4.95
N ALA B 103 1.32 -16.92 6.00
CA ALA B 103 0.63 -17.71 7.01
C ALA B 103 1.02 -17.20 8.39
N TYR B 104 0.13 -17.42 9.34
CA TYR B 104 0.34 -17.01 10.72
C TYR B 104 0.23 -18.27 11.58
N ALA B 105 1.23 -18.52 12.41
CA ALA B 105 1.24 -19.75 13.20
C ALA B 105 0.10 -19.75 14.22
N PRO B 106 -0.49 -20.92 14.47
CA PRO B 106 -1.58 -20.99 15.46
C PRO B 106 -1.17 -20.55 16.85
N SER B 107 0.09 -20.79 17.24
CA SER B 107 0.59 -20.30 18.52
C SER B 107 0.81 -18.79 18.51
N GLY B 108 0.90 -18.19 17.33
CA GLY B 108 1.18 -16.78 17.20
C GLY B 108 2.64 -16.41 17.24
N ASN B 109 3.54 -17.39 17.37
CA ASN B 109 4.96 -17.11 17.51
C ASN B 109 5.65 -16.86 16.18
N TYR B 110 5.07 -17.32 15.07
CA TYR B 110 5.74 -17.29 13.79
C TYR B 110 4.78 -16.80 12.71
N VAL B 111 5.35 -16.25 11.64
CA VAL B 111 4.65 -16.02 10.39
C VAL B 111 5.47 -16.64 9.27
N ALA B 112 4.81 -17.01 8.19
CA ALA B 112 5.47 -17.53 7.01
C ALA B 112 5.12 -16.67 5.81
N CYS B 113 5.98 -16.71 4.80
CA CYS B 113 5.70 -16.04 3.53
C CYS B 113 6.52 -16.73 2.45
N GLY B 114 6.07 -16.54 1.21
CA GLY B 114 6.76 -17.15 0.08
C GLY B 114 6.16 -16.66 -1.21
N GLY B 115 6.82 -17.03 -2.30
CA GLY B 115 6.39 -16.57 -3.60
C GLY B 115 7.30 -17.00 -4.72
N LEU B 116 7.67 -16.04 -5.58
CA LEU B 116 8.44 -16.32 -6.78
C LEU B 116 9.89 -16.71 -6.49
N ASP B 117 10.34 -16.59 -5.25
CA ASP B 117 11.68 -17.05 -4.87
C ASP B 117 11.73 -18.53 -4.55
N ASN B 118 10.59 -19.23 -4.63
CA ASN B 118 10.46 -20.66 -4.37
C ASN B 118 10.85 -21.04 -2.95
N ILE B 119 10.69 -20.13 -2.00
CA ILE B 119 11.19 -20.31 -0.63
C ILE B 119 10.08 -19.94 0.35
N CYS B 120 9.85 -20.81 1.32
CA CYS B 120 9.01 -20.49 2.48
C CYS B 120 9.92 -19.99 3.59
N SER B 121 9.80 -18.71 3.93
CA SER B 121 10.60 -18.10 4.99
C SER B 121 9.77 -18.05 6.26
N ILE B 122 10.34 -18.56 7.35
CA ILE B 122 9.70 -18.53 8.65
C ILE B 122 10.31 -17.39 9.45
N TYR B 123 9.46 -16.55 10.03
CA TYR B 123 9.89 -15.38 10.78
C TYR B 123 9.49 -15.54 12.24
N ASN B 124 10.45 -15.34 13.15
CA ASN B 124 10.19 -15.45 14.58
C ASN B 124 9.66 -14.11 15.08
N LEU B 125 8.39 -14.09 15.48
CA LEU B 125 7.79 -12.85 15.96
C LEU B 125 8.27 -12.52 17.37
N LYS B 126 8.36 -13.51 18.24
CA LYS B 126 8.67 -13.30 19.65
C LYS B 126 10.11 -13.70 19.91
N THR B 127 11.02 -12.75 19.68
CA THR B 127 12.43 -12.92 19.92
C THR B 127 12.86 -12.11 21.15
N ARG B 128 14.01 -12.50 21.71
CA ARG B 128 14.55 -11.78 22.85
C ARG B 128 15.13 -10.43 22.43
N GLU B 129 15.58 -10.32 21.18
CA GLU B 129 16.15 -9.07 20.67
C GLU B 129 15.11 -8.01 20.41
N GLY B 130 13.82 -8.35 20.43
CA GLY B 130 12.76 -7.39 20.20
C GLY B 130 12.45 -7.11 18.75
N ASN B 131 13.10 -7.78 17.82
CA ASN B 131 12.83 -7.64 16.40
C ASN B 131 12.35 -8.96 15.82
N VAL B 132 11.80 -8.89 14.62
CA VAL B 132 11.38 -10.07 13.88
C VAL B 132 12.53 -10.47 12.97
N ARG B 133 13.03 -11.68 13.15
CA ARG B 133 14.11 -12.22 12.34
C ARG B 133 13.68 -13.50 11.65
N VAL B 134 14.37 -13.82 10.56
CA VAL B 134 14.05 -15.03 9.80
C VAL B 134 14.51 -16.25 10.59
N SER B 135 13.57 -17.09 11.01
CA SER B 135 13.93 -18.33 11.68
C SER B 135 14.71 -19.23 10.74
N ARG B 136 14.18 -19.49 9.55
CA ARG B 136 14.90 -20.17 8.49
C ARG B 136 14.14 -20.00 7.18
N GLU B 137 14.81 -20.35 6.10
CA GLU B 137 14.23 -20.34 4.76
C GLU B 137 14.12 -21.78 4.27
N LEU B 138 12.91 -22.19 3.94
CA LEU B 138 12.65 -23.56 3.48
C LEU B 138 12.81 -23.60 1.96
N ALA B 139 13.81 -24.32 1.49
CA ALA B 139 14.11 -24.44 0.08
C ALA B 139 13.97 -25.89 -0.37
N GLY B 140 13.63 -26.07 -1.64
CA GLY B 140 13.40 -27.40 -2.18
C GLY B 140 12.30 -27.44 -3.21
N HIS B 141 11.45 -26.42 -3.22
CA HIS B 141 10.45 -26.27 -4.27
C HIS B 141 11.08 -25.68 -5.52
N THR B 142 10.80 -26.28 -6.67
CA THR B 142 11.33 -25.80 -7.94
C THR B 142 10.40 -24.82 -8.64
N GLY B 143 9.22 -24.56 -8.07
CA GLY B 143 8.31 -23.57 -8.62
C GLY B 143 7.93 -22.57 -7.54
N TYR B 144 7.19 -21.55 -7.96
CA TYR B 144 6.76 -20.52 -7.03
C TYR B 144 5.87 -21.12 -5.95
N LEU B 145 6.03 -20.63 -4.72
CA LEU B 145 5.30 -21.18 -3.59
C LEU B 145 4.03 -20.36 -3.41
N SER B 146 2.88 -21.01 -3.63
CA SER B 146 1.61 -20.32 -3.77
C SER B 146 0.79 -20.30 -2.49
N CYS B 147 1.02 -21.24 -1.57
CA CYS B 147 0.32 -21.24 -0.30
C CYS B 147 1.16 -21.98 0.74
N CYS B 148 1.07 -21.51 1.98
CA CYS B 148 1.70 -22.18 3.11
C CYS B 148 0.73 -22.14 4.29
N ARG B 149 0.74 -23.20 5.09
CA ARG B 149 -0.14 -23.30 6.24
C ARG B 149 0.59 -24.00 7.37
N PHE B 150 0.71 -23.31 8.50
CA PHE B 150 1.33 -23.89 9.68
C PHE B 150 0.46 -25.00 10.26
N LEU B 151 1.09 -26.14 10.53
CA LEU B 151 0.46 -27.20 11.31
C LEU B 151 0.63 -26.94 12.80
N ASP B 152 1.87 -26.69 13.21
CA ASP B 152 2.22 -26.26 14.55
C ASP B 152 3.45 -25.37 14.43
N ASP B 153 4.16 -25.16 15.54
CA ASP B 153 5.36 -24.33 15.51
C ASP B 153 6.48 -24.95 14.69
N ASN B 154 6.43 -26.27 14.46
CA ASN B 154 7.52 -26.97 13.77
C ASN B 154 7.12 -27.64 12.46
N GLN B 155 5.84 -27.68 12.12
CA GLN B 155 5.40 -28.29 10.88
C GLN B 155 4.61 -27.28 10.06
N ILE B 156 4.85 -27.26 8.75
CA ILE B 156 4.13 -26.39 7.84
C ILE B 156 4.02 -27.09 6.49
N VAL B 157 2.83 -27.06 5.90
CA VAL B 157 2.59 -27.59 4.56
C VAL B 157 2.60 -26.42 3.59
N THR B 158 3.37 -26.55 2.52
CA THR B 158 3.53 -25.48 1.54
C THR B 158 3.01 -25.97 0.19
N SER B 159 2.10 -25.19 -0.40
CA SER B 159 1.69 -25.38 -1.78
C SER B 159 2.65 -24.63 -2.71
N SER B 160 2.86 -25.19 -3.89
CA SER B 160 3.85 -24.61 -4.79
C SER B 160 3.42 -24.77 -6.24
N GLY B 161 4.03 -23.95 -7.10
CA GLY B 161 3.84 -23.95 -8.52
C GLY B 161 4.68 -24.94 -9.28
N ASP B 162 5.30 -25.91 -8.60
CA ASP B 162 5.96 -27.03 -9.25
C ASP B 162 5.10 -28.28 -9.24
N THR B 163 3.77 -28.09 -9.19
CA THR B 163 2.78 -29.18 -9.17
C THR B 163 3.05 -30.14 -8.00
N THR B 164 3.37 -29.59 -6.84
CA THR B 164 3.78 -30.39 -5.71
C THR B 164 3.50 -29.66 -4.40
N CYS B 165 2.86 -30.35 -3.46
CA CYS B 165 2.74 -29.89 -2.08
C CYS B 165 3.81 -30.55 -1.23
N ALA B 166 4.22 -29.85 -0.18
CA ALA B 166 5.35 -30.30 0.63
C ALA B 166 5.09 -30.05 2.11
N LEU B 167 5.48 -31.01 2.94
CA LEU B 167 5.42 -30.88 4.40
C LEU B 167 6.83 -30.75 4.94
N TRP B 168 7.04 -29.75 5.79
CA TRP B 168 8.39 -29.38 6.22
C TRP B 168 8.55 -29.55 7.73
N ASP B 169 9.80 -29.76 8.14
CA ASP B 169 10.21 -29.74 9.54
C ASP B 169 11.05 -28.49 9.75
N ILE B 170 10.56 -27.56 10.58
CA ILE B 170 11.22 -26.26 10.71
C ILE B 170 12.45 -26.31 11.61
N GLU B 171 12.60 -27.32 12.47
CA GLU B 171 13.88 -27.46 13.17
C GLU B 171 15.01 -27.78 12.20
N THR B 172 14.78 -28.70 11.27
CA THR B 172 15.82 -29.13 10.34
C THR B 172 15.75 -28.43 9.00
N GLY B 173 14.62 -27.81 8.66
CA GLY B 173 14.48 -27.19 7.36
C GLY B 173 14.38 -28.15 6.20
N GLN B 174 14.14 -29.43 6.47
CA GLN B 174 14.22 -30.47 5.46
C GLN B 174 12.83 -30.85 4.96
N GLN B 175 12.82 -31.55 3.83
CA GLN B 175 11.60 -31.99 3.18
C GLN B 175 11.10 -33.25 3.85
N THR B 176 10.18 -33.10 4.81
CA THR B 176 9.68 -34.25 5.55
C THR B 176 8.81 -35.14 4.66
N THR B 177 7.87 -34.54 3.93
CA THR B 177 6.96 -35.29 3.08
C THR B 177 6.68 -34.49 1.82
N THR B 178 6.69 -35.16 0.67
CA THR B 178 6.37 -34.56 -0.62
C THR B 178 5.06 -35.14 -1.12
N PHE B 179 4.12 -34.27 -1.46
CA PHE B 179 2.80 -34.67 -1.96
C PHE B 179 2.76 -34.43 -3.47
N THR B 180 2.73 -35.52 -4.23
CA THR B 180 2.75 -35.46 -5.69
C THR B 180 1.50 -36.12 -6.24
N GLY B 181 1.11 -35.69 -7.44
CA GLY B 181 -0.06 -36.22 -8.10
C GLY B 181 -0.82 -35.17 -8.89
N HIS B 182 -0.62 -33.90 -8.54
CA HIS B 182 -1.22 -32.83 -9.30
C HIS B 182 -0.49 -32.66 -10.64
N THR B 183 -1.26 -32.33 -11.67
CA THR B 183 -0.70 -32.11 -13.00
C THR B 183 -0.41 -30.63 -13.25
N GLY B 184 -1.33 -29.76 -12.82
CA GLY B 184 -1.12 -28.33 -12.93
C GLY B 184 -0.51 -27.73 -11.68
N ASP B 185 -0.30 -26.43 -11.72
CA ASP B 185 0.35 -25.74 -10.62
C ASP B 185 -0.58 -25.65 -9.42
N VAL B 186 -0.11 -26.09 -8.27
CA VAL B 186 -0.94 -26.06 -7.06
C VAL B 186 -1.04 -24.62 -6.57
N MET B 187 -2.25 -24.10 -6.53
CA MET B 187 -2.48 -22.69 -6.28
C MET B 187 -3.05 -22.39 -4.91
N SER B 188 -3.70 -23.36 -4.27
CA SER B 188 -4.40 -23.13 -3.02
C SER B 188 -4.13 -24.29 -2.07
N LEU B 189 -4.49 -24.08 -0.80
CA LEU B 189 -4.17 -25.02 0.25
C LEU B 189 -5.06 -24.72 1.44
N SER B 190 -5.59 -25.78 2.07
CA SER B 190 -6.44 -25.63 3.23
C SER B 190 -6.21 -26.81 4.17
N LEU B 191 -6.02 -26.52 5.45
CA LEU B 191 -5.82 -27.56 6.45
C LEU B 191 -7.14 -27.89 7.15
N ALA B 192 -7.30 -29.17 7.47
CA ALA B 192 -8.48 -29.61 8.20
C ALA B 192 -8.41 -29.12 9.65
N PRO B 193 -9.57 -28.96 10.30
CA PRO B 193 -9.56 -28.51 11.71
C PRO B 193 -8.78 -29.41 12.65
N ASP B 194 -8.81 -30.72 12.45
CA ASP B 194 -7.98 -31.63 13.24
C ASP B 194 -6.55 -31.70 12.73
N THR B 195 -6.28 -31.11 11.56
CA THR B 195 -4.93 -31.01 10.97
C THR B 195 -4.37 -32.42 10.73
N ARG B 196 -5.25 -33.34 10.32
CA ARG B 196 -4.82 -34.67 9.91
C ARG B 196 -4.77 -34.79 8.40
N LEU B 197 -5.66 -34.08 7.71
CA LEU B 197 -5.75 -34.06 6.26
C LEU B 197 -5.65 -32.61 5.77
N PHE B 198 -5.38 -32.46 4.47
CA PHE B 198 -5.48 -31.15 3.85
C PHE B 198 -5.83 -31.34 2.39
N VAL B 199 -6.50 -30.34 1.83
CA VAL B 199 -6.88 -30.32 0.42
C VAL B 199 -6.07 -29.26 -0.29
N SER B 200 -5.80 -29.53 -1.57
CA SER B 200 -5.06 -28.60 -2.42
C SER B 200 -5.74 -28.52 -3.78
N GLY B 201 -5.95 -27.30 -4.26
CA GLY B 201 -6.48 -27.07 -5.59
C GLY B 201 -5.39 -26.57 -6.52
N ALA B 202 -5.34 -27.15 -7.71
CA ALA B 202 -4.28 -26.86 -8.66
C ALA B 202 -4.86 -26.33 -9.96
N CYS B 203 -3.98 -26.14 -10.94
CA CYS B 203 -4.35 -25.60 -12.25
C CYS B 203 -4.84 -26.68 -13.20
N ASP B 204 -4.85 -27.95 -12.78
CA ASP B 204 -5.42 -29.02 -13.57
C ASP B 204 -6.93 -29.17 -13.35
N ALA B 205 -7.57 -28.14 -12.79
CA ALA B 205 -9.01 -28.15 -12.48
C ALA B 205 -9.37 -29.31 -11.57
N SER B 206 -8.48 -29.64 -10.65
CA SER B 206 -8.67 -30.78 -9.76
C SER B 206 -8.27 -30.40 -8.35
N ALA B 207 -9.00 -30.95 -7.38
CA ALA B 207 -8.69 -30.81 -5.96
C ALA B 207 -8.40 -32.17 -5.37
N LYS B 208 -7.33 -32.27 -4.59
CA LYS B 208 -6.88 -33.53 -4.04
C LYS B 208 -6.84 -33.44 -2.52
N LEU B 209 -7.34 -34.49 -1.87
CA LEU B 209 -7.30 -34.60 -0.42
C LEU B 209 -6.14 -35.48 -0.02
N TRP B 210 -5.23 -34.94 0.78
CA TRP B 210 -4.01 -35.64 1.16
C TRP B 210 -4.05 -36.03 2.63
N ASP B 211 -3.24 -37.03 2.97
CA ASP B 211 -2.99 -37.41 4.35
C ASP B 211 -1.62 -36.91 4.75
N VAL B 212 -1.56 -36.11 5.81
CA VAL B 212 -0.30 -35.50 6.22
C VAL B 212 0.69 -36.56 6.68
N ARG B 213 0.23 -37.48 7.54
CA ARG B 213 1.13 -38.47 8.14
C ARG B 213 1.39 -39.67 7.24
N GLU B 214 0.60 -39.86 6.17
CA GLU B 214 0.83 -40.94 5.23
C GLU B 214 1.43 -40.46 3.91
N GLY B 215 1.28 -39.19 3.57
CA GLY B 215 1.88 -38.63 2.37
C GLY B 215 1.33 -39.18 1.07
N MET B 216 0.02 -39.42 1.00
CA MET B 216 -0.59 -39.92 -0.22
C MET B 216 -1.91 -39.23 -0.44
N CYS B 217 -2.32 -39.14 -1.71
CA CYS B 217 -3.61 -38.58 -2.06
C CYS B 217 -4.71 -39.60 -1.80
N ARG B 218 -5.65 -39.25 -0.93
CA ARG B 218 -6.73 -40.18 -0.62
C ARG B 218 -7.85 -40.08 -1.63
N GLN B 219 -8.32 -38.86 -1.91
CA GLN B 219 -9.39 -38.64 -2.88
C GLN B 219 -9.01 -37.49 -3.80
N THR B 220 -9.56 -37.54 -5.02
CA THR B 220 -9.37 -36.50 -6.03
C THR B 220 -10.74 -35.99 -6.45
N PHE B 221 -10.90 -34.67 -6.46
CA PHE B 221 -12.19 -34.03 -6.70
C PHE B 221 -12.11 -33.20 -7.97
N THR B 222 -13.01 -33.48 -8.92
CA THR B 222 -13.07 -32.76 -10.18
C THR B 222 -14.44 -32.12 -10.35
N GLY B 223 -14.57 -31.34 -11.40
CA GLY B 223 -15.82 -30.66 -11.69
C GLY B 223 -15.63 -29.25 -12.20
N HIS B 224 -14.53 -28.62 -11.79
CA HIS B 224 -14.19 -27.29 -12.28
C HIS B 224 -13.72 -27.36 -13.73
N GLU B 225 -14.00 -26.29 -14.47
CA GLU B 225 -13.57 -26.19 -15.86
C GLU B 225 -12.33 -25.32 -16.04
N SER B 226 -11.75 -24.81 -14.96
CA SER B 226 -10.55 -23.97 -15.08
C SER B 226 -9.72 -24.15 -13.82
N ASP B 227 -8.68 -23.32 -13.69
CA ASP B 227 -7.70 -23.46 -12.62
C ASP B 227 -8.32 -23.10 -11.27
N ILE B 228 -8.18 -23.99 -10.29
CA ILE B 228 -8.67 -23.72 -8.95
C ILE B 228 -7.68 -22.80 -8.24
N ASN B 229 -8.15 -21.64 -7.79
CA ASN B 229 -7.31 -20.67 -7.11
C ASN B 229 -7.53 -20.62 -5.60
N ALA B 230 -8.67 -21.09 -5.11
CA ALA B 230 -8.98 -21.00 -3.69
C ALA B 230 -9.59 -22.31 -3.23
N ILE B 231 -9.35 -22.64 -1.96
CA ILE B 231 -9.89 -23.86 -1.36
C ILE B 231 -10.00 -23.63 0.14
N CYS B 232 -11.00 -24.25 0.76
CA CYS B 232 -11.26 -24.05 2.18
C CYS B 232 -12.19 -25.15 2.69
N PHE B 233 -11.82 -25.78 3.80
CA PHE B 233 -12.69 -26.76 4.44
C PHE B 233 -13.93 -26.13 5.05
N PHE B 234 -14.97 -26.94 5.14
CA PHE B 234 -16.09 -26.67 6.01
C PHE B 234 -15.60 -26.69 7.47
N PRO B 235 -16.26 -25.95 8.36
CA PRO B 235 -15.78 -25.89 9.76
C PRO B 235 -15.73 -27.23 10.47
N ASN B 236 -16.52 -28.22 10.05
CA ASN B 236 -16.43 -29.54 10.67
C ASN B 236 -15.36 -30.43 10.04
N GLY B 237 -14.77 -30.01 8.93
CA GLY B 237 -13.72 -30.77 8.29
C GLY B 237 -14.18 -31.90 7.40
N ASN B 238 -15.49 -32.09 7.24
CA ASN B 238 -16.02 -33.14 6.40
C ASN B 238 -16.27 -32.68 4.96
N ALA B 239 -16.15 -31.39 4.69
CA ALA B 239 -16.42 -30.86 3.35
C ALA B 239 -15.51 -29.69 3.10
N PHE B 240 -15.38 -29.32 1.83
CA PHE B 240 -14.58 -28.17 1.47
C PHE B 240 -15.16 -27.52 0.22
N ALA B 241 -14.85 -26.24 0.05
CA ALA B 241 -15.31 -25.46 -1.09
C ALA B 241 -14.12 -24.92 -1.86
N THR B 242 -14.23 -24.98 -3.19
CA THR B 242 -13.18 -24.51 -4.09
C THR B 242 -13.67 -23.29 -4.84
N GLY B 243 -12.71 -22.47 -5.27
CA GLY B 243 -13.00 -21.34 -6.13
C GLY B 243 -12.03 -21.31 -7.29
N SER B 244 -12.53 -21.14 -8.51
CA SER B 244 -11.69 -21.25 -9.69
C SER B 244 -11.96 -20.07 -10.61
N ASP B 245 -11.37 -20.11 -11.80
CA ASP B 245 -11.45 -19.04 -12.77
C ASP B 245 -12.71 -19.08 -13.62
N ASP B 246 -13.52 -20.14 -13.51
CA ASP B 246 -14.74 -20.25 -14.28
C ASP B 246 -15.94 -19.59 -13.61
N ALA B 247 -15.69 -18.71 -12.64
CA ALA B 247 -16.71 -17.93 -11.93
C ALA B 247 -17.69 -18.82 -11.17
N THR B 248 -17.27 -20.03 -10.80
CA THR B 248 -18.10 -20.96 -10.05
C THR B 248 -17.35 -21.42 -8.80
N CYS B 249 -18.07 -21.53 -7.70
CA CYS B 249 -17.59 -22.19 -6.49
C CYS B 249 -18.32 -23.51 -6.35
N ARG B 250 -17.58 -24.59 -6.11
CA ARG B 250 -18.16 -25.90 -5.90
C ARG B 250 -17.92 -26.33 -4.46
N LEU B 251 -18.89 -27.04 -3.90
CA LEU B 251 -18.77 -27.64 -2.58
C LEU B 251 -18.64 -29.15 -2.74
N PHE B 252 -17.60 -29.72 -2.13
CA PHE B 252 -17.32 -31.14 -2.23
C PHE B 252 -17.39 -31.77 -0.84
N ASP B 253 -17.82 -33.04 -0.80
CA ASP B 253 -17.81 -33.82 0.43
C ASP B 253 -16.66 -34.81 0.41
N LEU B 254 -16.00 -34.96 1.55
CA LEU B 254 -14.98 -35.99 1.68
C LEU B 254 -15.60 -37.38 1.78
N ARG B 255 -16.66 -37.52 2.59
CA ARG B 255 -17.25 -38.84 2.78
C ARG B 255 -18.08 -39.27 1.57
N ALA B 256 -18.80 -38.33 0.95
CA ALA B 256 -19.55 -38.68 -0.25
C ALA B 256 -18.65 -38.76 -1.47
N ASP B 257 -17.46 -38.13 -1.43
CA ASP B 257 -16.49 -38.14 -2.51
C ASP B 257 -17.12 -37.62 -3.81
N GLN B 258 -17.78 -36.46 -3.69
CA GLN B 258 -18.57 -35.93 -4.79
C GLN B 258 -18.82 -34.45 -4.55
N GLU B 259 -19.13 -33.74 -5.63
CA GLU B 259 -19.53 -32.34 -5.55
C GLU B 259 -20.98 -32.24 -5.11
N LEU B 260 -21.26 -31.31 -4.20
CA LEU B 260 -22.60 -31.16 -3.63
C LEU B 260 -23.37 -29.99 -4.23
N MET B 261 -22.71 -28.86 -4.49
CA MET B 261 -23.42 -27.69 -4.96
C MET B 261 -22.45 -26.73 -5.64
N THR B 262 -22.95 -26.06 -6.68
CA THR B 262 -22.19 -25.05 -7.42
C THR B 262 -22.72 -23.67 -7.06
N TYR B 263 -21.82 -22.74 -6.76
CA TYR B 263 -22.17 -21.38 -6.39
C TYR B 263 -21.76 -20.46 -7.54
N SER B 264 -22.69 -20.25 -8.48
CA SER B 264 -22.44 -19.44 -9.65
C SER B 264 -23.65 -18.55 -9.94
N HIS B 265 -23.38 -17.43 -10.60
CA HIS B 265 -24.42 -16.53 -11.06
C HIS B 265 -24.12 -16.12 -12.50
N ASP B 266 -25.18 -15.80 -13.23
CA ASP B 266 -25.01 -15.42 -14.63
C ASP B 266 -24.29 -14.08 -14.77
N ASN B 267 -24.46 -13.18 -13.82
CA ASN B 267 -23.81 -11.87 -13.86
C ASN B 267 -22.34 -11.93 -13.46
N ILE B 268 -21.86 -13.07 -12.99
CA ILE B 268 -20.47 -13.23 -12.59
C ILE B 268 -19.74 -14.00 -13.69
N ILE B 269 -18.74 -13.35 -14.29
CA ILE B 269 -17.94 -13.99 -15.33
C ILE B 269 -16.45 -14.00 -14.99
N CYS B 270 -16.02 -13.29 -13.96
CA CYS B 270 -14.62 -13.21 -13.58
C CYS B 270 -14.24 -14.36 -12.65
N GLY B 271 -12.93 -14.55 -12.48
CA GLY B 271 -12.44 -15.62 -11.65
C GLY B 271 -12.59 -15.33 -10.17
N ILE B 272 -12.33 -16.38 -9.38
CA ILE B 272 -12.46 -16.32 -7.92
C ILE B 272 -11.07 -16.49 -7.33
N THR B 273 -10.67 -15.50 -6.51
CA THR B 273 -9.34 -15.50 -5.92
C THR B 273 -9.28 -16.17 -4.56
N SER B 274 -10.30 -15.93 -3.72
CA SER B 274 -10.29 -16.40 -2.35
C SER B 274 -11.65 -16.99 -2.01
N VAL B 275 -11.62 -18.01 -1.13
CA VAL B 275 -12.82 -18.69 -0.66
C VAL B 275 -12.69 -18.90 0.84
N SER B 276 -13.69 -18.48 1.60
CA SER B 276 -13.70 -18.64 3.04
C SER B 276 -15.09 -18.99 3.51
N PHE B 277 -15.15 -19.70 4.64
CA PHE B 277 -16.40 -20.11 5.27
C PHE B 277 -16.62 -19.29 6.55
N SER B 278 -17.89 -19.12 6.91
CA SER B 278 -18.23 -18.54 8.20
C SER B 278 -18.03 -19.58 9.29
N LYS B 279 -18.25 -19.17 10.55
CA LYS B 279 -17.98 -20.07 11.67
C LYS B 279 -18.91 -21.28 11.65
N SER B 280 -20.18 -21.08 11.34
CA SER B 280 -21.12 -22.18 11.25
C SER B 280 -21.05 -22.91 9.91
N GLY B 281 -20.38 -22.34 8.92
CA GLY B 281 -20.36 -22.89 7.58
C GLY B 281 -21.57 -22.56 6.74
N ARG B 282 -22.55 -21.82 7.28
CA ARG B 282 -23.73 -21.48 6.51
C ARG B 282 -23.42 -20.48 5.41
N LEU B 283 -22.49 -19.57 5.67
CA LEU B 283 -22.12 -18.54 4.70
C LEU B 283 -20.79 -18.91 4.05
N LEU B 284 -20.74 -18.81 2.73
CA LEU B 284 -19.51 -19.01 1.97
C LEU B 284 -19.12 -17.69 1.34
N LEU B 285 -18.00 -17.12 1.79
CA LEU B 285 -17.51 -15.86 1.29
C LEU B 285 -16.46 -16.11 0.24
N ALA B 286 -16.64 -15.51 -0.94
CA ALA B 286 -15.73 -15.69 -2.07
C ALA B 286 -15.30 -14.34 -2.60
N GLY B 287 -13.99 -14.17 -2.78
CA GLY B 287 -13.44 -12.97 -3.39
C GLY B 287 -13.24 -13.18 -4.87
N TYR B 288 -13.63 -12.16 -5.66
CA TYR B 288 -13.68 -12.26 -7.10
C TYR B 288 -12.74 -11.24 -7.73
N ASP B 289 -12.59 -11.33 -9.06
CA ASP B 289 -11.79 -10.38 -9.82
C ASP B 289 -12.55 -9.10 -10.16
N ASP B 290 -13.88 -9.09 -10.01
CA ASP B 290 -14.69 -7.90 -10.31
C ASP B 290 -14.79 -6.96 -9.11
N PHE B 291 -13.80 -7.00 -8.22
CA PHE B 291 -13.50 -6.01 -7.17
C PHE B 291 -14.36 -6.15 -5.92
N ASN B 292 -15.15 -7.21 -5.77
CA ASN B 292 -15.98 -7.32 -4.58
C ASN B 292 -16.09 -8.78 -4.16
N CYS B 293 -16.47 -8.97 -2.90
CA CYS B 293 -16.66 -10.28 -2.31
C CYS B 293 -18.16 -10.59 -2.22
N ASN B 294 -18.56 -11.76 -2.70
CA ASN B 294 -19.96 -12.17 -2.69
C ASN B 294 -20.15 -13.21 -1.59
N VAL B 295 -21.08 -12.94 -0.69
CA VAL B 295 -21.46 -13.90 0.35
C VAL B 295 -22.46 -14.87 -0.24
N TRP B 296 -22.20 -16.16 -0.08
CA TRP B 296 -23.04 -17.21 -0.62
C TRP B 296 -23.70 -18.01 0.50
N ASP B 297 -24.98 -18.29 0.35
CA ASP B 297 -25.64 -19.29 1.18
C ASP B 297 -25.05 -20.64 0.81
N ALA B 298 -24.19 -21.18 1.67
CA ALA B 298 -23.49 -22.42 1.36
C ALA B 298 -24.44 -23.61 1.25
N LEU B 299 -25.64 -23.51 1.82
CA LEU B 299 -26.61 -24.59 1.76
C LEU B 299 -27.63 -24.43 0.64
N LYS B 300 -27.78 -23.23 0.08
CA LYS B 300 -28.83 -22.97 -0.90
C LYS B 300 -28.34 -22.35 -2.20
N ALA B 301 -27.05 -22.06 -2.34
CA ALA B 301 -26.48 -21.41 -3.53
C ALA B 301 -27.16 -20.09 -3.84
N ASP B 302 -27.49 -19.34 -2.81
CA ASP B 302 -28.10 -18.03 -2.95
C ASP B 302 -27.11 -16.96 -2.53
N ARG B 303 -27.03 -15.88 -3.31
CA ARG B 303 -26.17 -14.76 -2.99
C ARG B 303 -26.74 -14.06 -1.76
N ALA B 304 -26.13 -14.31 -0.60
CA ALA B 304 -26.62 -13.71 0.64
C ALA B 304 -26.27 -12.22 0.72
N GLY B 305 -25.17 -11.81 0.12
CA GLY B 305 -24.77 -10.42 0.18
C GLY B 305 -23.51 -10.20 -0.64
N VAL B 306 -23.15 -8.93 -0.76
CA VAL B 306 -21.99 -8.50 -1.52
C VAL B 306 -21.13 -7.60 -0.64
N LEU B 307 -19.83 -7.87 -0.60
CA LEU B 307 -18.88 -7.05 0.14
C LEU B 307 -18.13 -6.17 -0.87
N ALA B 308 -18.76 -5.06 -1.23
CA ALA B 308 -18.20 -4.13 -2.20
C ALA B 308 -17.56 -2.95 -1.48
N GLY B 309 -16.52 -2.39 -2.10
CA GLY B 309 -15.76 -1.33 -1.47
C GLY B 309 -14.27 -1.37 -1.76
N HIS B 310 -13.83 -2.35 -2.52
CA HIS B 310 -12.44 -2.43 -2.97
C HIS B 310 -12.36 -1.94 -4.41
N ASP B 311 -11.40 -1.06 -4.68
CA ASP B 311 -11.24 -0.50 -6.02
C ASP B 311 -10.49 -1.42 -6.97
N ASN B 312 -9.88 -2.48 -6.47
CA ASN B 312 -9.19 -3.43 -7.31
C ASN B 312 -9.60 -4.86 -6.95
N ARG B 313 -8.92 -5.84 -7.52
CA ARG B 313 -9.31 -7.23 -7.35
C ARG B 313 -9.11 -7.68 -5.91
N VAL B 314 -10.15 -8.28 -5.32
CA VAL B 314 -10.05 -8.85 -3.98
C VAL B 314 -9.22 -10.12 -4.08
N SER B 315 -8.00 -10.08 -3.54
CA SER B 315 -7.05 -11.18 -3.72
C SER B 315 -7.10 -12.21 -2.60
N CYS B 316 -7.48 -11.81 -1.39
CA CYS B 316 -7.41 -12.71 -0.25
C CYS B 316 -8.56 -12.44 0.71
N LEU B 317 -8.97 -13.50 1.41
CA LEU B 317 -10.09 -13.47 2.33
C LEU B 317 -9.71 -14.17 3.62
N GLY B 318 -10.43 -13.86 4.68
CA GLY B 318 -10.23 -14.53 5.94
C GLY B 318 -11.29 -14.23 6.97
N VAL B 319 -11.85 -15.27 7.57
CA VAL B 319 -12.80 -15.15 8.66
C VAL B 319 -12.09 -15.52 9.95
N THR B 320 -12.29 -14.71 10.99
CA THR B 320 -11.66 -14.96 12.27
C THR B 320 -12.15 -16.29 12.87
N ASP B 321 -11.31 -16.87 13.72
CA ASP B 321 -11.62 -18.17 14.31
C ASP B 321 -12.84 -18.13 15.21
N ASP B 322 -13.19 -16.98 15.76
CA ASP B 322 -14.43 -16.84 16.51
C ASP B 322 -15.60 -16.42 15.63
N GLY B 323 -15.39 -16.27 14.33
CA GLY B 323 -16.44 -15.89 13.41
C GLY B 323 -16.91 -14.47 13.52
N MET B 324 -16.19 -13.63 14.26
CA MET B 324 -16.65 -12.28 14.53
C MET B 324 -16.65 -11.42 13.29
N ALA B 325 -15.62 -11.52 12.47
CA ALA B 325 -15.46 -10.64 11.33
C ALA B 325 -14.80 -11.38 10.17
N VAL B 326 -14.97 -10.81 8.99
CA VAL B 326 -14.27 -11.25 7.79
C VAL B 326 -13.42 -10.10 7.28
N ALA B 327 -12.18 -10.40 6.90
CA ALA B 327 -11.26 -9.40 6.39
C ALA B 327 -10.98 -9.67 4.92
N THR B 328 -11.09 -8.63 4.10
CA THR B 328 -10.84 -8.72 2.67
C THR B 328 -9.59 -7.92 2.33
N GLY B 329 -8.64 -8.58 1.67
CA GLY B 329 -7.47 -7.92 1.10
C GLY B 329 -7.64 -7.81 -0.39
N SER B 330 -7.02 -6.80 -0.97
CA SER B 330 -7.26 -6.49 -2.37
C SER B 330 -6.00 -5.90 -3.00
N TRP B 331 -5.99 -5.87 -4.33
CA TRP B 331 -4.89 -5.33 -5.09
C TRP B 331 -4.77 -3.81 -5.00
N ASP B 332 -5.76 -3.14 -4.41
CA ASP B 332 -5.70 -1.70 -4.20
C ASP B 332 -4.95 -1.32 -2.92
N SER B 333 -4.15 -2.25 -2.38
CA SER B 333 -3.26 -2.00 -1.24
C SER B 333 -4.02 -1.68 0.04
N PHE B 334 -5.21 -2.25 0.21
CA PHE B 334 -6.02 -2.00 1.39
C PHE B 334 -6.60 -3.30 1.94
N LEU B 335 -6.79 -3.33 3.26
CA LEU B 335 -7.46 -4.41 3.95
C LEU B 335 -8.68 -3.83 4.66
N LYS B 336 -9.80 -4.51 4.56
CA LYS B 336 -11.04 -4.05 5.19
C LYS B 336 -11.61 -5.15 6.07
N ILE B 337 -12.06 -4.76 7.26
CA ILE B 337 -12.69 -5.68 8.21
C ILE B 337 -14.19 -5.44 8.16
N TRP B 338 -14.97 -6.51 8.03
CA TRP B 338 -16.41 -6.43 7.84
C TRP B 338 -17.14 -7.16 8.97
N ASN B 339 -18.28 -6.61 9.37
CA ASN B 339 -19.16 -7.25 10.34
C ASN B 339 -20.61 -7.15 9.92
N ASN C 1 12.17 -44.16 -23.23
CA ASN C 1 10.78 -43.83 -22.95
C ASN C 1 10.12 -44.92 -22.12
N THR C 2 10.93 -45.80 -21.53
CA THR C 2 10.43 -46.88 -20.70
C THR C 2 10.03 -46.43 -19.30
N ALA C 3 10.36 -45.19 -18.93
CA ALA C 3 10.01 -44.67 -17.62
C ALA C 3 8.54 -44.29 -17.50
N SER C 4 7.83 -44.17 -18.62
CA SER C 4 6.40 -43.84 -18.57
C SER C 4 5.57 -45.01 -18.04
N ILE C 5 6.09 -46.23 -18.13
CA ILE C 5 5.37 -47.38 -17.59
C ILE C 5 5.26 -47.27 -16.07
N ALA C 6 6.31 -46.77 -15.42
CA ALA C 6 6.26 -46.57 -13.98
C ALA C 6 5.24 -45.50 -13.60
N GLN C 7 5.17 -44.42 -14.37
CA GLN C 7 4.17 -43.38 -14.11
C GLN C 7 2.75 -43.91 -14.32
N ALA C 8 2.56 -44.73 -15.36
CA ALA C 8 1.25 -45.33 -15.59
C ALA C 8 0.88 -46.30 -14.46
N ARG C 9 1.85 -47.06 -13.97
CA ARG C 9 1.60 -47.95 -12.84
C ARG C 9 1.22 -47.15 -11.59
N LYS C 10 1.92 -46.03 -11.35
CA LYS C 10 1.58 -45.17 -10.22
C LYS C 10 0.17 -44.61 -10.36
N LEU C 11 -0.19 -44.18 -11.58
CA LEU C 11 -1.53 -43.62 -11.80
C LEU C 11 -2.61 -44.67 -11.59
N VAL C 12 -2.42 -45.88 -12.11
CA VAL C 12 -3.45 -46.90 -11.94
C VAL C 12 -3.51 -47.38 -10.48
N GLU C 13 -2.38 -47.38 -9.77
CA GLU C 13 -2.41 -47.70 -8.34
C GLU C 13 -3.17 -46.63 -7.56
N GLN C 14 -2.95 -45.36 -7.89
CA GLN C 14 -3.67 -44.28 -7.23
C GLN C 14 -5.17 -44.36 -7.52
N LEU C 15 -5.53 -44.65 -8.77
CA LEU C 15 -6.94 -44.80 -9.12
C LEU C 15 -7.56 -46.00 -8.42
N LYS C 16 -6.81 -47.11 -8.28
CA LYS C 16 -7.33 -48.28 -7.59
C LYS C 16 -7.56 -48.01 -6.11
N MET C 17 -6.63 -47.30 -5.46
CA MET C 17 -6.82 -47.02 -4.04
C MET C 17 -7.87 -45.94 -3.82
N GLU C 18 -8.07 -45.05 -4.80
CA GLU C 18 -9.14 -44.06 -4.69
C GLU C 18 -10.50 -44.68 -4.95
N ALA C 19 -10.56 -45.74 -5.77
CA ALA C 19 -11.82 -46.40 -6.06
C ALA C 19 -12.34 -47.17 -4.84
N ASN C 20 -11.45 -47.83 -4.11
CA ASN C 20 -11.84 -48.63 -2.95
C ASN C 20 -11.94 -47.72 -1.73
N ILE C 21 -12.95 -46.86 -1.76
CA ILE C 21 -13.24 -45.92 -0.68
C ILE C 21 -14.71 -46.03 -0.32
N ASP C 22 -14.99 -46.18 0.98
CA ASP C 22 -16.38 -46.25 1.43
C ASP C 22 -17.02 -44.87 1.30
N ARG C 23 -18.14 -44.83 0.59
CA ARG C 23 -18.84 -43.58 0.29
C ARG C 23 -20.22 -43.61 0.91
N ILE C 24 -20.58 -42.53 1.62
CA ILE C 24 -21.92 -42.39 2.16
C ILE C 24 -22.78 -41.67 1.14
N LYS C 25 -24.09 -41.90 1.23
CA LYS C 25 -25.03 -41.31 0.28
C LYS C 25 -25.02 -39.79 0.42
N VAL C 26 -25.19 -39.11 -0.72
CA VAL C 26 -25.13 -37.66 -0.73
C VAL C 26 -26.31 -37.04 0.04
N SER C 27 -27.41 -37.77 0.20
CA SER C 27 -28.48 -37.31 1.08
C SER C 27 -28.01 -37.27 2.53
N LYS C 28 -27.27 -38.29 2.96
CA LYS C 28 -26.66 -38.27 4.29
C LYS C 28 -25.66 -37.14 4.41
N ALA C 29 -24.90 -36.89 3.34
CA ALA C 29 -23.99 -35.75 3.33
C ALA C 29 -24.73 -34.45 3.58
N ALA C 30 -25.82 -34.22 2.84
CA ALA C 30 -26.61 -33.01 3.04
C ALA C 30 -27.16 -32.95 4.45
N ALA C 31 -27.58 -34.09 5.00
CA ALA C 31 -28.10 -34.12 6.36
C ALA C 31 -27.05 -33.69 7.39
N ASP C 32 -25.81 -34.20 7.26
CA ASP C 32 -24.77 -33.82 8.21
C ASP C 32 -24.37 -32.35 8.06
N LEU C 33 -24.25 -31.84 6.84
CA LEU C 33 -23.93 -30.43 6.69
C LEU C 33 -25.05 -29.52 7.21
N MET C 34 -26.31 -29.87 6.96
CA MET C 34 -27.41 -29.08 7.52
C MET C 34 -27.41 -29.15 9.04
N ALA C 35 -27.15 -30.33 9.60
CA ALA C 35 -27.11 -30.47 11.05
C ALA C 35 -26.00 -29.63 11.67
N TYR C 36 -24.82 -29.60 11.02
CA TYR C 36 -23.74 -28.76 11.54
C TYR C 36 -24.08 -27.28 11.40
N CYS C 37 -24.71 -26.89 10.28
CA CYS C 37 -25.07 -25.49 10.10
C CYS C 37 -26.11 -25.03 11.11
N GLU C 38 -27.08 -25.90 11.42
CA GLU C 38 -28.12 -25.53 12.38
C GLU C 38 -27.63 -25.61 13.81
N ALA C 39 -26.69 -26.51 14.11
CA ALA C 39 -26.21 -26.66 15.48
C ALA C 39 -25.32 -25.50 15.90
N HIS C 40 -24.74 -24.79 14.93
CA HIS C 40 -23.83 -23.68 15.22
C HIS C 40 -24.33 -22.37 14.64
N ALA C 41 -25.61 -22.28 14.29
CA ALA C 41 -26.15 -21.08 13.67
C ALA C 41 -26.20 -19.91 14.65
N LYS C 42 -26.49 -20.19 15.93
CA LYS C 42 -26.58 -19.13 16.92
C LYS C 42 -25.22 -18.55 17.25
N GLU C 43 -24.16 -19.35 17.19
CA GLU C 43 -22.82 -18.90 17.50
C GLU C 43 -22.06 -18.41 16.27
N ASP C 44 -22.76 -18.01 15.22
CA ASP C 44 -22.12 -17.46 14.03
C ASP C 44 -22.35 -15.95 14.00
N PRO C 45 -21.36 -15.13 14.38
CA PRO C 45 -21.57 -13.67 14.38
C PRO C 45 -21.81 -13.09 12.99
N LEU C 46 -21.23 -13.66 11.95
CA LEU C 46 -21.45 -13.13 10.61
C LEU C 46 -22.85 -13.45 10.11
N LEU C 47 -23.33 -14.68 10.37
CA LEU C 47 -24.67 -15.05 9.97
C LEU C 47 -25.73 -14.34 10.82
N THR C 48 -25.54 -14.35 12.14
CA THR C 48 -26.42 -13.63 13.05
C THR C 48 -25.63 -12.55 13.75
N PRO C 49 -25.75 -11.28 13.33
CA PRO C 49 -24.93 -10.22 13.93
C PRO C 49 -25.20 -10.04 15.41
N VAL C 50 -24.13 -9.79 16.16
CA VAL C 50 -24.20 -9.55 17.59
C VAL C 50 -24.48 -8.07 17.83
N PRO C 51 -25.00 -7.68 18.99
CA PRO C 51 -25.18 -6.26 19.27
C PRO C 51 -23.85 -5.53 19.35
N ALA C 52 -23.93 -4.19 19.24
CA ALA C 52 -22.73 -3.35 19.23
C ALA C 52 -21.94 -3.44 20.53
N SER C 53 -22.58 -3.82 21.64
CA SER C 53 -21.86 -4.03 22.89
C SER C 53 -20.89 -5.20 22.78
N GLU C 54 -21.29 -6.27 22.09
CA GLU C 54 -20.48 -7.47 21.96
C GLU C 54 -19.64 -7.50 20.70
N ASN C 55 -19.63 -6.41 19.91
CA ASN C 55 -18.88 -6.37 18.67
C ASN C 55 -17.53 -5.69 18.92
N PRO C 56 -16.42 -6.41 18.85
CA PRO C 56 -15.11 -5.77 19.07
C PRO C 56 -14.72 -4.77 18.00
N PHE C 57 -15.37 -4.79 16.84
CA PHE C 57 -15.06 -3.88 15.75
C PHE C 57 -16.07 -2.75 15.65
N ARG C 58 -16.66 -2.36 16.77
CA ARG C 58 -17.66 -1.29 16.80
C ARG C 58 -17.04 0.06 16.44
N ASP D 1 23.73 -12.05 23.98
CA ASP D 1 22.56 -11.97 24.86
C ASP D 1 22.18 -10.51 25.12
N VAL D 2 20.95 -10.30 25.57
CA VAL D 2 20.49 -8.96 25.89
C VAL D 2 21.19 -8.49 27.17
N GLN D 3 21.81 -7.32 27.10
CA GLN D 3 22.56 -6.80 28.23
C GLN D 3 22.44 -5.28 28.27
N LEU D 4 22.26 -4.74 29.48
CA LEU D 4 22.25 -3.30 29.71
C LEU D 4 23.28 -3.00 30.79
N VAL D 5 24.29 -2.21 30.45
CA VAL D 5 25.38 -1.88 31.36
C VAL D 5 25.31 -0.39 31.66
N GLU D 6 25.19 -0.06 32.94
CA GLU D 6 25.10 1.31 33.40
C GLU D 6 26.48 1.83 33.82
N SER D 7 26.65 3.14 33.71
CA SER D 7 27.89 3.78 34.10
C SER D 7 27.61 5.23 34.45
N GLY D 8 28.57 5.84 35.15
CA GLY D 8 28.49 7.23 35.51
C GLY D 8 28.20 7.51 36.97
N GLY D 9 27.89 6.50 37.76
CA GLY D 9 27.58 6.73 39.16
C GLY D 9 28.81 7.00 39.99
N GLY D 10 28.58 7.54 41.18
CA GLY D 10 29.66 7.85 42.09
C GLY D 10 29.21 8.84 43.13
N LEU D 11 30.17 9.24 43.98
CA LEU D 11 29.92 10.21 45.04
C LEU D 11 29.82 11.61 44.44
N VAL D 12 28.76 12.33 44.80
CA VAL D 12 28.46 13.64 44.23
C VAL D 12 28.17 14.61 45.36
N GLN D 13 28.72 15.81 45.27
CA GLN D 13 28.36 16.86 46.21
C GLN D 13 26.95 17.38 45.89
N PRO D 14 26.21 17.81 46.92
CA PRO D 14 24.86 18.32 46.68
C PRO D 14 24.85 19.53 45.76
N GLY D 15 23.85 19.59 44.88
CA GLY D 15 23.78 20.62 43.89
C GLY D 15 24.62 20.38 42.65
N GLY D 16 25.35 19.26 42.59
CA GLY D 16 26.18 18.97 41.45
C GLY D 16 25.41 18.41 40.27
N SER D 17 26.14 18.11 39.21
CA SER D 17 25.56 17.59 37.99
C SER D 17 26.35 16.38 37.53
N ARG D 18 25.65 15.28 37.25
CA ARG D 18 26.26 14.07 36.73
C ARG D 18 25.36 13.48 35.65
N LYS D 19 26.00 12.75 34.72
CA LYS D 19 25.31 12.17 33.59
C LYS D 19 25.50 10.65 33.61
N LEU D 20 24.40 9.93 33.54
CA LEU D 20 24.41 8.47 33.53
C LEU D 20 24.31 7.95 32.11
N SER D 21 25.08 6.91 31.82
CA SER D 21 25.07 6.25 30.52
C SER D 21 24.59 4.82 30.70
N CYS D 22 23.90 4.31 29.68
CA CYS D 22 23.38 2.94 29.69
C CYS D 22 23.67 2.34 28.31
N SER D 23 24.74 1.57 28.22
CA SER D 23 25.13 0.96 26.95
C SER D 23 24.31 -0.30 26.72
N ALA D 24 23.66 -0.37 25.55
CA ALA D 24 22.78 -1.47 25.21
C ALA D 24 23.46 -2.38 24.20
N SER D 25 23.30 -3.69 24.37
CA SER D 25 23.84 -4.68 23.45
C SER D 25 22.94 -5.91 23.46
N GLY D 26 22.88 -6.60 22.34
CA GLY D 26 22.13 -7.84 22.23
C GLY D 26 20.67 -7.69 21.89
N PHE D 27 20.20 -6.48 21.59
CA PHE D 27 18.82 -6.28 21.20
C PHE D 27 18.70 -5.02 20.36
N ALA D 28 17.57 -4.89 19.68
CA ALA D 28 17.30 -3.73 18.84
C ALA D 28 16.94 -2.54 19.72
N PHE D 29 17.95 -1.76 20.10
CA PHE D 29 17.76 -0.66 21.04
C PHE D 29 16.80 0.40 20.50
N SER D 30 16.75 0.60 19.18
CA SER D 30 15.93 1.65 18.60
C SER D 30 14.45 1.39 18.77
N SER D 31 14.03 0.12 18.73
CA SER D 31 12.62 -0.23 18.79
C SER D 31 12.07 -0.35 20.20
N PHE D 32 12.90 -0.09 21.21
CA PHE D 32 12.50 -0.24 22.61
C PHE D 32 12.37 1.14 23.25
N GLY D 33 11.25 1.38 23.93
CA GLY D 33 11.19 2.47 24.88
C GLY D 33 12.05 2.16 26.09
N MET D 34 12.58 3.21 26.71
CA MET D 34 13.57 2.99 27.75
C MET D 34 13.21 3.78 28.99
N HIS D 35 13.35 3.15 30.15
CA HIS D 35 13.00 3.73 31.43
C HIS D 35 14.22 3.83 32.33
N TRP D 36 14.22 4.84 33.20
CA TRP D 36 15.16 4.92 34.31
C TRP D 36 14.37 4.68 35.59
N VAL D 37 14.83 3.72 36.38
CA VAL D 37 14.22 3.39 37.67
C VAL D 37 15.33 3.38 38.71
N ARG D 38 15.17 4.16 39.77
CA ARG D 38 16.15 4.22 40.84
C ARG D 38 15.61 3.52 42.08
N GLN D 39 16.53 3.05 42.92
CA GLN D 39 16.18 2.41 44.17
C GLN D 39 17.07 2.99 45.27
N ALA D 40 16.44 3.68 46.22
CA ALA D 40 17.17 4.24 47.33
C ALA D 40 17.70 3.14 48.25
N PRO D 41 18.72 3.42 49.05
CA PRO D 41 19.21 2.41 50.01
C PRO D 41 18.16 1.92 50.99
N GLU D 42 17.01 2.58 51.09
CA GLU D 42 15.88 2.10 51.88
C GLU D 42 15.10 0.99 51.18
N LYS D 43 15.61 0.48 50.05
CA LYS D 43 15.02 -0.65 49.31
C LYS D 43 13.60 -0.32 48.82
N GLY D 44 13.52 0.69 47.97
CA GLY D 44 12.27 1.01 47.32
C GLY D 44 12.43 1.40 45.86
N LEU D 45 11.77 0.67 44.96
CA LEU D 45 11.85 1.00 43.54
C LEU D 45 11.04 2.26 43.24
N GLU D 46 11.64 3.17 42.48
CA GLU D 46 10.98 4.41 42.10
C GLU D 46 11.28 4.72 40.65
N TRP D 47 10.22 4.90 39.86
CA TRP D 47 10.39 5.25 38.46
C TRP D 47 10.83 6.71 38.34
N VAL D 48 11.76 6.95 37.42
CA VAL D 48 12.37 8.28 37.25
C VAL D 48 11.94 8.92 35.94
N ALA D 49 12.27 8.30 34.81
CA ALA D 49 12.05 8.91 33.51
C ALA D 49 11.82 7.84 32.48
N TYR D 50 11.20 8.25 31.37
CA TYR D 50 10.91 7.35 30.26
C TYR D 50 11.10 8.10 28.95
N ILE D 51 11.73 7.44 27.98
CA ILE D 51 11.83 7.95 26.63
C ILE D 51 11.33 6.87 25.68
N SER D 52 10.48 7.26 24.73
CA SER D 52 9.90 6.30 23.81
C SER D 52 10.86 6.01 22.67
N SER D 53 10.50 5.03 21.85
CA SER D 53 11.25 4.76 20.62
C SER D 53 11.10 5.96 19.68
N GLY D 54 12.21 6.39 19.11
CA GLY D 54 12.21 7.59 18.30
C GLY D 54 12.26 8.88 19.09
N SER D 55 12.33 8.80 20.42
CA SER D 55 12.43 9.96 21.30
C SER D 55 11.24 10.92 21.16
N GLY D 56 10.11 10.40 20.68
CA GLY D 56 8.96 11.26 20.49
C GLY D 56 8.18 11.57 21.75
N THR D 57 8.25 10.69 22.74
CA THR D 57 7.53 10.85 23.99
C THR D 57 8.50 10.72 25.15
N ILE D 58 8.48 11.70 26.06
CA ILE D 58 9.35 11.72 27.21
C ILE D 58 8.52 12.07 28.44
N TYR D 59 8.66 11.27 29.50
CA TYR D 59 7.96 11.50 30.75
C TYR D 59 8.97 11.51 31.89
N TYR D 60 8.67 12.28 32.93
CA TYR D 60 9.50 12.38 34.11
C TYR D 60 8.66 12.22 35.36
N ALA D 61 9.28 11.72 36.42
CA ALA D 61 8.66 11.75 37.74
C ALA D 61 8.56 13.20 38.22
N ASP D 62 7.56 13.46 39.06
CA ASP D 62 7.34 14.82 39.54
C ASP D 62 8.48 15.33 40.40
N THR D 63 9.28 14.44 40.98
CA THR D 63 10.40 14.83 41.81
C THR D 63 11.68 15.07 41.03
N VAL D 64 11.70 14.77 39.73
CA VAL D 64 12.90 14.93 38.92
C VAL D 64 12.56 15.73 37.66
N LYS D 65 11.29 16.10 37.50
CA LYS D 65 10.85 16.79 36.30
C LYS D 65 11.42 18.21 36.28
N GLY D 66 11.97 18.60 35.13
CA GLY D 66 12.63 19.88 35.01
C GLY D 66 13.99 19.93 35.66
N ARG D 67 14.48 18.82 36.19
CA ARG D 67 15.75 18.80 36.91
C ARG D 67 16.61 17.67 36.38
N PHE D 68 15.98 16.63 35.83
CA PHE D 68 16.65 15.54 35.14
C PHE D 68 16.31 15.61 33.66
N THR D 69 17.20 15.04 32.84
CA THR D 69 17.00 15.00 31.41
C THR D 69 17.37 13.60 30.91
N ILE D 70 16.43 12.95 30.23
CA ILE D 70 16.65 11.63 29.67
C ILE D 70 16.75 11.77 28.15
N SER D 71 17.76 11.11 27.57
CA SER D 71 17.95 11.14 26.13
C SER D 71 18.60 9.83 25.70
N ARG D 72 18.48 9.54 24.41
CA ARG D 72 19.06 8.33 23.84
C ARG D 72 19.76 8.68 22.54
N ASP D 73 20.78 7.88 22.20
CA ASP D 73 21.45 7.98 20.91
C ASP D 73 21.45 6.58 20.30
N ASP D 74 20.48 6.32 19.44
CA ASP D 74 20.25 5.02 18.83
C ASP D 74 21.39 4.53 17.94
N PRO D 75 22.16 5.39 17.25
CA PRO D 75 23.33 4.88 16.52
C PRO D 75 24.30 4.07 17.37
N LYS D 76 24.58 4.48 18.61
CA LYS D 76 25.52 3.76 19.45
C LYS D 76 24.85 3.04 20.61
N ASN D 77 23.51 2.96 20.63
CA ASN D 77 22.76 2.15 21.59
C ASN D 77 23.04 2.56 23.03
N THR D 78 22.98 3.86 23.30
CA THR D 78 23.24 4.39 24.64
C THR D 78 22.05 5.21 25.12
N LEU D 79 21.67 4.98 26.37
CA LEU D 79 20.63 5.76 27.03
C LEU D 79 21.29 6.68 28.06
N PHE D 80 20.88 7.94 28.06
CA PHE D 80 21.49 8.95 28.90
C PHE D 80 20.48 9.48 29.91
N LEU D 81 20.98 9.83 31.10
CA LEU D 81 20.19 10.50 32.13
C LEU D 81 21.01 11.68 32.63
N GLN D 82 20.84 12.83 31.98
CA GLN D 82 21.54 14.04 32.37
C GLN D 82 20.87 14.63 33.61
N MET D 83 21.59 14.61 34.73
CA MET D 83 21.05 15.05 36.01
C MET D 83 21.75 16.32 36.44
N THR D 84 20.97 17.33 36.82
CA THR D 84 21.49 18.57 37.35
C THR D 84 20.84 18.85 38.71
N SER D 85 21.53 19.64 39.53
CA SER D 85 21.03 20.05 40.84
C SER D 85 20.70 18.84 41.72
N LEU D 86 21.68 17.95 41.85
CA LEU D 86 21.47 16.72 42.60
C LEU D 86 21.39 17.01 44.09
N ARG D 87 20.33 16.52 44.73
CA ARG D 87 20.17 16.65 46.17
C ARG D 87 20.26 15.27 46.82
N SER D 88 20.16 15.25 48.15
CA SER D 88 20.44 14.05 48.92
C SER D 88 19.44 12.94 48.67
N GLU D 89 18.21 13.26 48.29
CA GLU D 89 17.21 12.23 48.01
C GLU D 89 17.46 11.52 46.68
N ASP D 90 18.39 12.02 45.87
CA ASP D 90 18.76 11.37 44.62
C ASP D 90 19.79 10.26 44.81
N THR D 91 20.24 10.04 46.05
CA THR D 91 21.16 8.95 46.36
C THR D 91 20.41 7.64 46.19
N ALA D 92 20.66 6.95 45.08
CA ALA D 92 19.97 5.71 44.76
C ALA D 92 20.80 4.95 43.73
N MET D 93 20.43 3.69 43.53
CA MET D 93 21.06 2.85 42.52
C MET D 93 20.13 2.82 41.31
N TYR D 94 20.56 3.46 40.23
CA TYR D 94 19.70 3.72 39.09
C TYR D 94 19.75 2.56 38.11
N TYR D 95 18.59 2.01 37.79
CA TYR D 95 18.46 0.89 36.86
C TYR D 95 17.99 1.41 35.51
N CYS D 96 18.62 0.91 34.46
CA CYS D 96 18.22 1.21 33.08
C CYS D 96 17.33 0.07 32.60
N VAL D 97 16.07 0.40 32.29
CA VAL D 97 15.04 -0.61 32.07
C VAL D 97 14.62 -0.60 30.61
N ARG D 98 14.45 -1.80 30.06
CA ARG D 98 14.10 -2.02 28.66
C ARG D 98 12.62 -2.38 28.57
N SER D 99 11.88 -1.70 27.71
CA SER D 99 10.45 -1.93 27.59
C SER D 99 9.97 -1.66 26.16
N ILE D 100 9.20 -2.59 25.62
CA ILE D 100 8.63 -2.44 24.29
C ILE D 100 7.11 -2.49 24.41
N TYR D 101 6.42 -1.82 23.49
CA TYR D 101 4.97 -1.66 23.57
C TYR D 101 4.32 -1.96 22.22
N TYR D 102 3.67 -3.11 22.14
CA TYR D 102 2.72 -3.43 21.08
C TYR D 102 1.69 -4.36 21.67
N TYR D 103 0.78 -4.87 20.85
CA TYR D 103 -0.23 -5.80 21.34
C TYR D 103 0.45 -7.11 21.72
N GLY D 104 0.31 -7.50 22.99
CA GLY D 104 0.91 -8.72 23.48
C GLY D 104 2.37 -8.61 23.87
N SER D 105 2.93 -7.40 23.86
CA SER D 105 4.32 -7.23 24.23
C SER D 105 4.50 -7.40 25.73
N SER D 106 5.76 -7.51 26.15
CA SER D 106 6.13 -7.68 27.55
C SER D 106 7.10 -6.57 27.93
N PRO D 107 6.59 -5.39 28.26
CA PRO D 107 7.48 -4.29 28.68
C PRO D 107 8.04 -4.54 30.07
N PHE D 108 9.10 -3.81 30.37
CA PHE D 108 9.86 -3.94 31.62
C PHE D 108 10.43 -5.35 31.79
N ASP D 109 10.70 -6.03 30.67
CA ASP D 109 11.14 -7.41 30.73
C ASP D 109 12.61 -7.53 31.15
N PHE D 110 13.47 -6.64 30.67
CA PHE D 110 14.88 -6.69 30.99
C PHE D 110 15.28 -5.42 31.73
N TRP D 111 15.97 -5.60 32.86
CA TRP D 111 16.53 -4.52 33.63
C TRP D 111 18.05 -4.63 33.63
N GLY D 112 18.72 -3.49 33.63
CA GLY D 112 20.16 -3.49 33.71
C GLY D 112 20.64 -3.72 35.14
N GLN D 113 21.95 -3.90 35.27
CA GLN D 113 22.52 -4.23 36.58
C GLN D 113 22.48 -3.04 37.53
N GLY D 114 22.46 -1.83 37.01
CA GLY D 114 22.32 -0.65 37.86
C GLY D 114 23.63 0.01 38.25
N THR D 115 23.66 1.33 38.24
CA THR D 115 24.79 2.10 38.72
C THR D 115 24.41 2.87 39.98
N THR D 116 25.31 2.88 40.95
CA THR D 116 25.07 3.48 42.25
C THR D 116 25.61 4.90 42.26
N LEU D 117 24.74 5.87 42.54
CA LEU D 117 25.14 7.26 42.70
C LEU D 117 24.82 7.70 44.12
N THR D 118 25.79 8.34 44.76
CA THR D 118 25.66 8.80 46.14
C THR D 118 25.79 10.32 46.16
N VAL D 119 24.89 10.98 46.87
CA VAL D 119 24.95 12.42 47.10
C VAL D 119 25.25 12.64 48.57
N SER D 120 26.29 13.41 48.84
CA SER D 120 26.77 13.61 50.20
C SER D 120 25.85 14.60 50.94
N SER D 121 26.26 14.99 52.15
CA SER D 121 25.47 15.93 52.94
C SER D 121 26.37 16.96 53.62
N GLY D 135 -0.12 13.47 44.66
CA GLY D 135 -1.52 13.72 44.96
C GLY D 135 -2.47 12.98 44.05
N SER D 136 -2.34 13.20 42.74
CA SER D 136 -3.17 12.53 41.75
C SER D 136 -2.59 11.21 41.29
N ASP D 137 -1.45 10.79 41.85
CA ASP D 137 -0.79 9.56 41.43
C ASP D 137 -1.54 8.34 41.94
N ILE D 138 -1.33 7.22 41.27
CA ILE D 138 -1.91 5.95 41.70
C ILE D 138 -1.04 5.35 42.80
N VAL D 139 -1.53 5.34 44.02
CA VAL D 139 -0.79 4.78 45.14
C VAL D 139 -0.88 3.27 45.09
N MET D 140 0.27 2.60 45.12
CA MET D 140 0.34 1.14 45.05
C MET D 140 0.73 0.63 46.42
N THR D 141 -0.11 -0.23 47.00
CA THR D 141 0.01 -0.61 48.39
C THR D 141 0.19 -2.11 48.53
N GLN D 142 1.17 -2.52 49.33
CA GLN D 142 1.35 -3.91 49.73
C GLN D 142 1.24 -3.98 51.24
N ALA D 143 0.26 -4.75 51.73
CA ALA D 143 0.00 -4.81 53.17
C ALA D 143 1.17 -5.41 53.94
N THR D 144 1.76 -6.48 53.41
CA THR D 144 2.87 -7.16 54.07
C THR D 144 4.18 -6.70 53.46
N SER D 145 5.13 -6.30 54.31
CA SER D 145 6.44 -5.86 53.87
C SER D 145 7.51 -6.94 53.98
N SER D 146 7.33 -7.90 54.89
CA SER D 146 8.30 -8.99 55.05
C SER D 146 7.60 -10.13 55.75
N VAL D 147 7.50 -11.28 55.08
CA VAL D 147 6.86 -12.46 55.67
C VAL D 147 7.77 -13.67 55.50
N PRO D 148 7.87 -14.53 56.50
CA PRO D 148 8.67 -15.76 56.35
C PRO D 148 7.87 -16.86 55.66
N VAL D 149 8.58 -17.65 54.88
CA VAL D 149 7.96 -18.71 54.07
C VAL D 149 8.82 -19.96 54.13
N THR D 150 8.18 -21.11 54.22
CA THR D 150 8.86 -22.40 54.18
C THR D 150 9.03 -22.84 52.72
N PRO D 151 10.22 -23.25 52.31
CA PRO D 151 10.41 -23.73 50.93
C PRO D 151 9.53 -24.94 50.64
N GLY D 152 9.02 -25.01 49.41
CA GLY D 152 8.12 -26.06 49.01
C GLY D 152 6.66 -25.80 49.29
N GLU D 153 6.33 -24.67 49.90
CA GLU D 153 4.95 -24.34 50.24
C GLU D 153 4.51 -23.11 49.47
N SER D 154 3.21 -23.05 49.17
CA SER D 154 2.65 -21.93 48.42
C SER D 154 2.61 -20.68 49.27
N VAL D 155 2.87 -19.53 48.63
CA VAL D 155 2.80 -18.23 49.27
C VAL D 155 2.04 -17.30 48.35
N SER D 156 1.38 -16.30 48.93
CA SER D 156 0.63 -15.30 48.17
C SER D 156 1.06 -13.91 48.61
N ILE D 157 1.41 -13.08 47.64
CA ILE D 157 1.76 -11.68 47.87
C ILE D 157 0.63 -10.83 47.32
N SER D 158 0.04 -10.00 48.17
CA SER D 158 -1.12 -9.20 47.82
C SER D 158 -0.71 -7.75 47.60
N CYS D 159 -1.31 -7.14 46.58
CA CYS D 159 -1.09 -5.73 46.27
C CYS D 159 -2.42 -5.04 46.04
N ARG D 160 -2.48 -3.77 46.41
CA ARG D 160 -3.67 -2.95 46.23
C ARG D 160 -3.30 -1.66 45.53
N SER D 161 -4.29 -1.08 44.85
CA SER D 161 -4.11 0.18 44.14
C SER D 161 -5.21 1.15 44.52
N SER D 162 -4.85 2.44 44.58
CA SER D 162 -5.84 3.48 44.87
C SER D 162 -6.85 3.59 43.74
N LYS D 163 -6.39 3.47 42.49
CA LYS D 163 -7.24 3.51 41.32
C LYS D 163 -7.33 2.12 40.71
N SER D 164 -8.45 1.86 40.03
CA SER D 164 -8.62 0.59 39.34
C SER D 164 -7.69 0.53 38.14
N LEU D 165 -6.89 -0.53 38.04
CA LEU D 165 -5.96 -0.69 36.94
C LEU D 165 -6.58 -1.37 35.74
N LEU D 166 -7.85 -1.75 35.80
CA LEU D 166 -8.56 -2.33 34.67
C LEU D 166 -8.99 -1.21 33.73
N HIS D 167 -8.56 -1.29 32.48
CA HIS D 167 -8.89 -0.30 31.48
C HIS D 167 -10.14 -0.70 30.70
N SER D 168 -10.62 0.22 29.86
CA SER D 168 -11.77 -0.06 29.02
C SER D 168 -11.48 -1.10 27.95
N ASN D 169 -10.21 -1.32 27.61
CA ASN D 169 -9.83 -2.31 26.61
C ASN D 169 -9.69 -3.72 27.19
N GLY D 170 -9.91 -3.90 28.49
CA GLY D 170 -9.84 -5.20 29.11
C GLY D 170 -8.50 -5.54 29.73
N ASN D 171 -7.48 -4.69 29.57
CA ASN D 171 -6.17 -4.94 30.15
C ASN D 171 -6.12 -4.37 31.56
N THR D 172 -5.63 -5.18 32.50
CA THR D 172 -5.32 -4.74 33.85
C THR D 172 -3.81 -4.53 33.92
N TYR D 173 -3.38 -3.27 33.97
CA TYR D 173 -1.97 -2.93 33.85
C TYR D 173 -1.30 -3.07 35.22
N LEU D 174 -1.07 -4.32 35.60
CA LEU D 174 -0.35 -4.67 36.82
C LEU D 174 0.88 -5.48 36.47
N TYR D 175 2.02 -5.10 37.03
CA TYR D 175 3.29 -5.75 36.77
C TYR D 175 3.85 -6.27 38.09
N TRP D 176 4.43 -7.47 38.05
CA TRP D 176 5.06 -8.07 39.22
C TRP D 176 6.55 -8.23 38.95
N PHE D 177 7.36 -7.73 39.88
CA PHE D 177 8.80 -7.81 39.77
C PHE D 177 9.38 -8.51 40.99
N LEU D 178 10.35 -9.38 40.76
CA LEU D 178 11.10 -10.03 41.83
C LEU D 178 12.54 -9.56 41.75
N GLN D 179 13.06 -9.07 42.87
CA GLN D 179 14.44 -8.61 42.96
C GLN D 179 15.16 -9.44 44.02
N ARG D 180 15.99 -10.37 43.57
CA ARG D 180 16.77 -11.20 44.48
C ARG D 180 17.87 -10.36 45.13
N PRO D 181 18.34 -10.76 46.31
CA PRO D 181 19.40 -10.00 46.98
C PRO D 181 20.66 -9.91 46.13
N GLY D 182 21.18 -8.70 46.00
CA GLY D 182 22.33 -8.44 45.16
C GLY D 182 22.09 -8.68 43.68
N GLN D 183 20.87 -8.42 43.20
CA GLN D 183 20.54 -8.63 41.80
C GLN D 183 19.57 -7.56 41.34
N SER D 184 19.50 -7.39 40.02
CA SER D 184 18.56 -6.46 39.43
C SER D 184 17.16 -7.09 39.39
N PRO D 185 16.10 -6.28 39.47
CA PRO D 185 14.76 -6.82 39.39
C PRO D 185 14.46 -7.43 38.03
N GLN D 186 13.62 -8.46 38.03
CA GLN D 186 13.17 -9.09 36.80
C GLN D 186 11.65 -9.12 36.79
N LEU D 187 11.09 -9.16 35.58
CA LEU D 187 9.64 -9.21 35.43
C LEU D 187 9.14 -10.64 35.53
N LEU D 188 8.06 -10.82 36.28
CA LEU D 188 7.38 -12.11 36.40
C LEU D 188 6.03 -12.13 35.70
N ILE D 189 5.15 -11.18 36.03
CA ILE D 189 3.83 -11.06 35.44
C ILE D 189 3.71 -9.66 34.87
N TYR D 190 3.32 -9.53 33.60
CA TYR D 190 3.30 -8.20 33.02
C TYR D 190 1.91 -7.57 32.92
N ARG D 191 0.83 -8.32 32.67
CA ARG D 191 -0.50 -7.70 32.83
C ARG D 191 -1.36 -8.61 33.70
N MET D 192 -1.10 -8.58 35.01
CA MET D 192 -1.95 -9.08 36.08
C MET D 192 -2.17 -10.59 36.01
N SER D 193 -1.89 -11.21 34.86
CA SER D 193 -1.97 -12.66 34.72
C SER D 193 -0.90 -13.28 33.82
N ASN D 194 -0.21 -12.49 33.01
CA ASN D 194 0.58 -13.03 31.90
C ASN D 194 1.97 -13.38 32.40
N LEU D 195 2.32 -14.66 32.36
CA LEU D 195 3.63 -15.12 32.77
C LEU D 195 4.69 -14.60 31.81
N ALA D 196 5.82 -14.13 32.34
CA ALA D 196 6.87 -13.56 31.52
C ALA D 196 7.69 -14.69 30.89
N SER D 197 8.68 -14.32 30.08
CA SER D 197 9.54 -15.28 29.39
C SER D 197 10.72 -15.65 30.29
N GLY D 198 10.97 -16.95 30.41
CA GLY D 198 12.07 -17.44 31.21
C GLY D 198 11.78 -17.62 32.68
N VAL D 199 10.60 -17.23 33.14
CA VAL D 199 10.21 -17.40 34.54
C VAL D 199 9.35 -18.66 34.66
N PRO D 200 9.47 -19.41 35.75
CA PRO D 200 8.76 -20.70 35.84
C PRO D 200 7.26 -20.54 35.93
N ASP D 201 6.56 -21.62 35.57
CA ASP D 201 5.10 -21.66 35.61
C ASP D 201 4.54 -21.69 37.03
N ARG D 202 5.40 -21.89 38.04
CA ARG D 202 4.95 -21.86 39.42
C ARG D 202 4.60 -20.46 39.91
N PHE D 203 4.94 -19.42 39.14
CA PHE D 203 4.48 -18.06 39.42
C PHE D 203 3.18 -17.81 38.67
N SER D 204 2.15 -17.38 39.40
CA SER D 204 0.85 -17.10 38.81
C SER D 204 0.30 -15.83 39.42
N GLY D 205 -0.25 -14.97 38.56
CA GLY D 205 -0.85 -13.72 39.00
C GLY D 205 -2.33 -13.69 38.71
N SER D 206 -3.08 -13.01 39.58
CA SER D 206 -4.51 -12.88 39.42
C SER D 206 -4.96 -11.63 40.16
N GLY D 207 -6.27 -11.39 40.14
CA GLY D 207 -6.86 -10.22 40.75
C GLY D 207 -7.88 -9.57 39.84
N SER D 208 -8.47 -8.49 40.34
CA SER D 208 -9.48 -7.76 39.59
C SER D 208 -9.62 -6.36 40.18
N GLY D 209 -9.69 -5.36 39.31
CA GLY D 209 -9.91 -4.01 39.75
C GLY D 209 -8.74 -3.42 40.50
N THR D 210 -8.89 -3.27 41.83
CA THR D 210 -7.84 -2.72 42.67
C THR D 210 -7.15 -3.77 43.53
N ALA D 211 -7.72 -4.96 43.67
CA ALA D 211 -7.14 -6.01 44.50
C ALA D 211 -6.35 -6.97 43.63
N PHE D 212 -5.13 -7.29 44.06
CA PHE D 212 -4.22 -8.12 43.28
C PHE D 212 -3.54 -9.13 44.18
N THR D 213 -3.11 -10.23 43.58
CA THR D 213 -2.37 -11.25 44.32
C THR D 213 -1.41 -11.95 43.37
N LEU D 214 -0.34 -12.47 43.95
CA LEU D 214 0.68 -13.21 43.21
C LEU D 214 1.00 -14.48 43.98
N THR D 215 0.71 -15.62 43.36
CA THR D 215 0.85 -16.92 44.02
C THR D 215 2.10 -17.63 43.52
N ILE D 216 2.91 -18.12 44.46
CA ILE D 216 4.11 -18.88 44.15
C ILE D 216 3.94 -20.26 44.79
N SER D 217 3.43 -21.21 44.02
CA SER D 217 3.30 -22.58 44.47
C SER D 217 4.65 -23.29 44.38
N ARG D 218 4.93 -24.14 45.38
CA ARG D 218 6.18 -24.89 45.46
C ARG D 218 7.39 -23.96 45.45
N LEU D 219 7.46 -23.13 46.49
CA LEU D 219 8.52 -22.13 46.59
C LEU D 219 9.87 -22.80 46.82
N GLU D 220 10.90 -22.23 46.22
CA GLU D 220 12.29 -22.65 46.38
C GLU D 220 13.12 -21.48 46.88
N ALA D 221 14.37 -21.77 47.26
CA ALA D 221 15.28 -20.72 47.68
C ALA D 221 15.65 -19.80 46.52
N GLU D 222 15.38 -20.21 45.29
CA GLU D 222 15.60 -19.36 44.12
C GLU D 222 14.60 -18.21 44.05
N ASP D 223 13.49 -18.30 44.79
CA ASP D 223 12.46 -17.27 44.81
C ASP D 223 12.61 -16.27 45.94
N VAL D 224 13.68 -16.34 46.72
CA VAL D 224 13.85 -15.45 47.86
C VAL D 224 14.24 -14.07 47.36
N GLY D 225 13.48 -13.06 47.78
CA GLY D 225 13.76 -11.69 47.37
C GLY D 225 12.60 -10.79 47.75
N VAL D 226 12.62 -9.59 47.17
CA VAL D 226 11.60 -8.58 47.40
C VAL D 226 10.72 -8.50 46.16
N TYR D 227 9.41 -8.58 46.37
CA TYR D 227 8.44 -8.60 45.28
C TYR D 227 7.74 -7.24 45.21
N TYR D 228 7.74 -6.66 44.01
CA TYR D 228 7.16 -5.33 43.78
C TYR D 228 6.01 -5.43 42.81
N CYS D 229 4.96 -4.67 43.07
CA CYS D 229 3.85 -4.51 42.13
C CYS D 229 3.92 -3.11 41.54
N MET D 230 3.85 -3.02 40.22
CA MET D 230 3.91 -1.76 39.51
C MET D 230 2.69 -1.62 38.61
N GLN D 231 2.17 -0.40 38.51
CA GLN D 231 1.08 -0.10 37.60
C GLN D 231 1.61 0.59 36.36
N HIS D 232 0.99 0.29 35.22
CA HIS D 232 1.30 0.94 33.95
C HIS D 232 0.04 1.52 33.31
N LEU D 233 -0.97 1.82 34.13
CA LEU D 233 -2.19 2.41 33.61
C LEU D 233 -1.95 3.83 33.10
N GLU D 234 -1.17 4.61 33.83
CA GLU D 234 -0.90 5.99 33.47
C GLU D 234 0.38 6.44 34.13
N TYR D 235 1.08 7.38 33.50
CA TYR D 235 2.30 7.92 34.08
C TYR D 235 1.95 8.95 35.16
N PRO D 236 2.76 9.06 36.23
CA PRO D 236 3.99 8.30 36.49
C PRO D 236 3.75 6.86 36.95
N LEU D 237 4.66 5.97 36.58
CA LEU D 237 4.57 4.58 37.01
C LEU D 237 4.99 4.47 38.46
N THR D 238 4.13 3.89 39.29
CA THR D 238 4.36 3.79 40.72
C THR D 238 4.50 2.32 41.11
N PHE D 239 5.46 2.06 41.98
CA PHE D 239 5.71 0.72 42.48
C PHE D 239 5.09 0.54 43.86
N GLY D 240 5.00 -0.71 44.30
CA GLY D 240 4.64 -1.01 45.66
C GLY D 240 5.81 -0.78 46.60
N ALA D 241 5.51 -0.91 47.90
CA ALA D 241 6.57 -0.78 48.90
C ALA D 241 7.57 -1.93 48.80
N GLY D 242 7.10 -3.13 48.44
CA GLY D 242 7.97 -4.28 48.31
C GLY D 242 7.77 -5.29 49.41
N THR D 243 7.34 -6.50 49.03
CA THR D 243 7.14 -7.59 49.97
C THR D 243 8.34 -8.53 49.87
N LYS D 244 9.06 -8.69 50.99
CA LYS D 244 10.26 -9.51 51.04
C LYS D 244 9.93 -10.88 51.62
N LEU D 245 10.40 -11.94 50.96
CA LEU D 245 10.25 -13.30 51.44
C LEU D 245 11.55 -13.74 52.10
N GLU D 246 11.45 -14.22 53.33
CA GLU D 246 12.60 -14.68 54.10
C GLU D 246 12.55 -16.19 54.27
N LEU D 247 13.55 -16.73 54.97
CA LEU D 247 13.66 -18.14 55.30
C LEU D 247 13.62 -19.02 54.06
N ASP E 1 -13.86 68.53 -19.51
CA ASP E 1 -15.02 67.71 -19.82
C ASP E 1 -15.01 66.42 -19.00
N HIS E 2 -14.14 65.49 -19.39
CA HIS E 2 -14.02 64.19 -18.72
C HIS E 2 -13.00 64.19 -17.60
N PHE E 3 -12.38 65.33 -17.32
CA PHE E 3 -11.32 65.41 -16.31
C PHE E 3 -11.85 65.06 -14.93
N LEU E 4 -11.01 64.41 -14.13
CA LEU E 4 -11.43 63.92 -12.82
C LEU E 4 -10.22 63.70 -11.93
N GLU E 5 -10.27 64.26 -10.72
CA GLU E 5 -9.25 64.01 -9.72
C GLU E 5 -9.72 62.90 -8.79
N ILE E 6 -8.94 61.84 -8.68
CA ILE E 6 -9.33 60.67 -7.90
C ILE E 6 -8.61 60.69 -6.55
N ASP E 7 -7.29 60.75 -6.59
CA ASP E 7 -6.44 60.79 -5.40
C ASP E 7 -5.50 61.99 -5.49
N LYS E 8 -6.08 63.16 -5.79
CA LYS E 8 -5.38 64.40 -6.10
C LYS E 8 -4.48 64.26 -7.32
N LYS E 9 -4.85 63.40 -8.27
CA LYS E 9 -4.07 63.17 -9.47
C LYS E 9 -4.87 63.63 -10.69
N ASN E 10 -4.23 64.39 -11.56
CA ASN E 10 -4.88 64.90 -12.76
C ASN E 10 -5.15 63.78 -13.75
N CYS E 11 -6.42 63.43 -13.97
CA CYS E 11 -6.76 62.45 -14.99
C CYS E 11 -8.23 62.48 -15.38
N CYS E 12 -8.67 61.47 -16.12
CA CYS E 12 -9.99 61.47 -16.73
C CYS E 12 -10.47 60.05 -16.98
N VAL E 13 -11.78 59.86 -16.86
CA VAL E 13 -12.45 58.59 -17.09
C VAL E 13 -13.59 58.80 -18.07
N PHE E 14 -14.22 57.70 -18.48
CA PHE E 14 -15.28 57.75 -19.48
C PHE E 14 -16.42 56.82 -19.09
N ARG E 15 -17.62 57.18 -19.55
CA ARG E 15 -18.82 56.35 -19.39
C ARG E 15 -19.46 56.24 -20.77
N ASP E 16 -19.03 55.26 -21.55
CA ASP E 16 -19.46 55.12 -22.93
C ASP E 16 -20.71 54.26 -23.02
N ASP E 17 -21.56 54.57 -24.01
CA ASP E 17 -22.74 53.74 -24.26
C ASP E 17 -22.35 52.37 -24.82
N PHE E 18 -21.25 52.31 -25.57
CA PHE E 18 -20.79 51.03 -26.09
C PHE E 18 -20.43 50.06 -24.98
N ILE E 19 -20.06 50.57 -23.80
CA ILE E 19 -19.91 49.72 -22.63
C ILE E 19 -21.21 48.98 -22.35
N VAL E 20 -22.33 49.73 -22.31
CA VAL E 20 -23.62 49.12 -22.05
C VAL E 20 -24.01 48.17 -23.18
N LYS E 21 -23.66 48.51 -24.41
CA LYS E 21 -24.09 47.70 -25.55
C LYS E 21 -23.22 46.47 -25.82
N VAL E 22 -22.04 46.36 -25.22
CA VAL E 22 -21.15 45.23 -25.46
C VAL E 22 -20.87 44.42 -24.19
N LEU E 23 -20.50 45.10 -23.10
CA LEU E 23 -20.00 44.40 -21.92
C LEU E 23 -21.02 43.47 -21.27
N PRO E 24 -22.27 43.85 -21.02
CA PRO E 24 -23.19 42.95 -20.29
C PRO E 24 -23.45 41.63 -21.00
N PRO E 25 -23.71 41.59 -22.32
CA PRO E 25 -23.97 40.27 -22.92
C PRO E 25 -22.73 39.38 -22.94
N VAL E 26 -21.56 39.92 -23.26
CA VAL E 26 -20.36 39.07 -23.32
C VAL E 26 -20.00 38.58 -21.92
N LEU E 27 -20.18 39.42 -20.90
CA LEU E 27 -19.94 38.95 -19.54
C LEU E 27 -21.00 37.96 -19.08
N GLY E 28 -22.23 38.08 -19.58
CA GLY E 28 -23.24 37.08 -19.26
C GLY E 28 -22.90 35.73 -19.82
N LEU E 29 -22.48 35.68 -21.10
CA LEU E 29 -22.06 34.41 -21.68
C LEU E 29 -20.83 33.86 -20.95
N GLU E 30 -19.85 34.73 -20.67
CA GLU E 30 -18.66 34.28 -19.96
C GLU E 30 -19.01 33.72 -18.59
N PHE E 31 -19.88 34.40 -17.84
CA PHE E 31 -20.27 33.90 -16.54
C PHE E 31 -21.01 32.57 -16.64
N ILE E 32 -21.98 32.44 -17.55
CA ILE E 32 -22.77 31.21 -17.57
C ILE E 32 -21.89 30.02 -17.94
N PHE E 33 -21.11 30.14 -19.03
CA PHE E 33 -20.29 28.99 -19.42
C PHE E 33 -19.14 28.74 -18.45
N GLY E 34 -18.48 29.79 -17.96
CA GLY E 34 -17.41 29.58 -16.99
C GLY E 34 -17.92 29.02 -15.68
N LEU E 35 -19.10 29.46 -15.23
CA LEU E 35 -19.68 28.93 -14.01
C LEU E 35 -20.01 27.45 -14.16
N LEU E 36 -20.65 27.07 -15.28
CA LEU E 36 -20.96 25.67 -15.49
C LEU E 36 -19.68 24.82 -15.54
N GLY E 37 -18.70 25.27 -16.32
CA GLY E 37 -17.47 24.51 -16.44
C GLY E 37 -16.70 24.40 -15.13
N ASN E 38 -16.54 25.52 -14.42
CA ASN E 38 -15.77 25.52 -13.18
C ASN E 38 -16.49 24.75 -12.08
N GLY E 39 -17.82 24.88 -11.98
CA GLY E 39 -18.56 24.12 -11.00
C GLY E 39 -18.50 22.62 -11.27
N LEU E 40 -18.66 22.23 -12.54
CA LEU E 40 -18.53 20.83 -12.90
C LEU E 40 -17.14 20.30 -12.56
N ALA E 41 -16.10 21.03 -12.99
CA ALA E 41 -14.74 20.58 -12.73
C ALA E 41 -14.47 20.48 -11.24
N LEU E 42 -14.91 21.47 -10.46
CA LEU E 42 -14.75 21.41 -9.01
C LEU E 42 -15.49 20.22 -8.43
N TRP E 43 -16.62 19.86 -9.02
CA TRP E 43 -17.35 18.67 -8.55
C TRP E 43 -16.53 17.39 -8.77
N ILE E 44 -15.96 17.22 -9.97
CA ILE E 44 -15.11 16.03 -10.19
C ILE E 44 -13.88 16.05 -9.28
N PHE E 45 -13.21 17.20 -9.14
CA PHE E 45 -12.05 17.26 -8.24
C PHE E 45 -12.44 16.92 -6.80
N CYS E 46 -13.58 17.41 -6.34
CA CYS E 46 -13.93 17.22 -4.93
C CYS E 46 -14.40 15.79 -4.66
N PHE E 47 -15.13 15.18 -5.59
CA PHE E 47 -15.75 13.89 -5.30
C PHE E 47 -15.24 12.76 -6.17
N HIS E 48 -15.18 12.94 -7.48
CA HIS E 48 -14.95 11.81 -8.37
C HIS E 48 -13.50 11.30 -8.32
N LEU E 49 -12.54 12.19 -8.14
CA LEU E 49 -11.15 11.75 -8.09
C LEU E 49 -10.87 10.96 -6.82
N LYS E 50 -10.06 9.91 -6.96
CA LYS E 50 -9.73 9.04 -5.84
C LYS E 50 -8.62 9.62 -4.99
N SER E 51 -7.45 9.80 -5.58
CA SER E 51 -6.27 10.32 -4.87
C SER E 51 -5.50 11.22 -5.84
N TRP E 52 -5.71 12.53 -5.69
CA TRP E 52 -5.09 13.48 -6.59
C TRP E 52 -3.65 13.81 -6.15
N LYS E 53 -2.79 14.04 -7.14
CA LYS E 53 -1.38 14.29 -6.92
C LYS E 53 -1.11 15.81 -6.91
N SER E 54 0.17 16.19 -6.93
CA SER E 54 0.53 17.61 -6.85
C SER E 54 0.05 18.38 -8.07
N SER E 55 0.18 17.79 -9.27
CA SER E 55 -0.31 18.46 -10.47
C SER E 55 -1.81 18.68 -10.42
N ARG E 56 -2.54 17.69 -9.92
CA ARG E 56 -3.98 17.86 -9.76
C ARG E 56 -4.30 18.89 -8.69
N ILE E 57 -3.42 19.03 -7.68
CA ILE E 57 -3.60 20.09 -6.69
C ILE E 57 -3.46 21.46 -7.33
N PHE E 58 -2.45 21.63 -8.18
CA PHE E 58 -2.27 22.90 -8.89
C PHE E 58 -3.44 23.17 -9.82
N LEU E 59 -3.94 22.13 -10.50
CA LEU E 59 -5.10 22.31 -11.37
C LEU E 59 -6.35 22.67 -10.57
N PHE E 60 -6.52 22.07 -9.39
CA PHE E 60 -7.62 22.44 -8.51
C PHE E 60 -7.53 23.89 -8.08
N ASN E 61 -6.33 24.36 -7.76
CA ASN E 61 -6.16 25.75 -7.35
C ASN E 61 -6.42 26.71 -8.50
N LEU E 62 -6.01 26.32 -9.72
CA LEU E 62 -6.37 27.10 -10.89
C LEU E 62 -7.88 27.16 -11.08
N ALA E 63 -8.56 26.03 -10.87
CA ALA E 63 -10.02 26.00 -10.97
C ALA E 63 -10.67 26.88 -9.90
N VAL E 64 -10.11 26.88 -8.68
CA VAL E 64 -10.62 27.71 -7.61
C VAL E 64 -10.47 29.19 -7.96
N ALA E 65 -9.30 29.57 -8.48
CA ALA E 65 -9.09 30.95 -8.88
C ALA E 65 -10.04 31.36 -10.01
N ASP E 66 -10.23 30.48 -10.99
CA ASP E 66 -11.15 30.77 -12.08
C ASP E 66 -12.58 30.90 -11.59
N PHE E 67 -13.00 30.01 -10.67
CA PHE E 67 -14.35 30.06 -10.12
C PHE E 67 -14.58 31.35 -9.33
N LEU E 68 -13.59 31.75 -8.52
CA LEU E 68 -13.73 32.98 -7.76
C LEU E 68 -13.73 34.21 -8.67
N LEU E 69 -12.98 34.16 -9.77
CA LEU E 69 -13.04 35.25 -10.74
C LEU E 69 -14.37 35.28 -11.47
N ILE E 70 -14.97 34.11 -11.69
CA ILE E 70 -16.27 34.05 -12.38
C ILE E 70 -17.38 34.58 -11.48
N ILE E 71 -17.38 34.20 -10.21
CA ILE E 71 -18.53 34.51 -9.36
C ILE E 71 -18.63 35.98 -8.99
N CYS E 72 -17.63 36.80 -9.34
CA CYS E 72 -17.73 38.24 -9.16
C CYS E 72 -18.06 38.97 -10.46
N LEU E 73 -18.43 38.24 -11.50
CA LEU E 73 -18.88 38.80 -12.77
C LEU E 73 -20.29 39.41 -12.75
N PRO E 74 -21.27 38.88 -11.98
CA PRO E 74 -22.57 39.55 -11.95
C PRO E 74 -22.50 40.98 -11.44
N PHE E 75 -21.61 41.26 -10.49
CA PHE E 75 -21.45 42.64 -10.03
C PHE E 75 -20.86 43.52 -11.12
N LEU E 76 -19.91 42.99 -11.90
CA LEU E 76 -19.39 43.73 -13.05
C LEU E 76 -20.49 43.99 -14.08
N MET E 77 -21.35 43.00 -14.32
CA MET E 77 -22.48 43.17 -15.23
C MET E 77 -23.43 44.25 -14.71
N ASP E 78 -23.72 44.23 -13.41
CA ASP E 78 -24.60 45.23 -12.83
C ASP E 78 -23.99 46.63 -12.94
N ASN E 79 -22.67 46.73 -12.78
CA ASN E 79 -21.99 48.01 -12.98
C ASN E 79 -22.03 48.44 -14.44
N TYR E 80 -22.04 47.47 -15.36
CA TYR E 80 -21.94 47.80 -16.78
C TYR E 80 -23.27 48.14 -17.42
N VAL E 81 -24.37 47.56 -16.93
CA VAL E 81 -25.67 47.83 -17.56
C VAL E 81 -26.09 49.28 -17.35
N ARG E 82 -25.65 49.90 -16.25
CA ARG E 82 -26.03 51.27 -15.95
C ARG E 82 -24.90 52.26 -16.24
N ARG E 83 -23.99 51.93 -17.17
CA ARG E 83 -22.96 52.84 -17.68
C ARG E 83 -22.07 53.34 -16.56
N TRP E 84 -21.33 52.40 -15.97
CA TRP E 84 -20.33 52.68 -14.94
C TRP E 84 -20.94 53.34 -13.71
N ASP E 85 -22.08 52.82 -13.27
CA ASP E 85 -22.71 53.26 -12.03
C ASP E 85 -22.67 52.11 -11.03
N TRP E 86 -22.14 52.38 -9.84
CA TRP E 86 -22.04 51.39 -8.77
C TRP E 86 -23.08 51.72 -7.71
N LYS E 87 -23.99 50.78 -7.46
CA LYS E 87 -25.09 50.97 -6.53
C LYS E 87 -25.00 49.99 -5.37
N PHE E 88 -23.77 49.61 -5.00
CA PHE E 88 -23.57 48.65 -3.93
C PHE E 88 -22.86 49.20 -2.70
N GLY E 89 -21.92 50.12 -2.85
CA GLY E 89 -21.35 50.82 -1.71
C GLY E 89 -19.84 50.74 -1.67
N ASP E 90 -19.31 51.08 -0.48
CA ASP E 90 -17.88 51.18 -0.24
C ASP E 90 -17.16 49.84 -0.21
N ILE E 91 -17.49 48.97 0.74
CA ILE E 91 -16.79 47.70 0.91
C ILE E 91 -17.09 46.69 -0.20
N PRO E 92 -18.31 46.59 -0.78
CA PRO E 92 -18.49 45.56 -1.82
C PRO E 92 -17.70 45.85 -3.09
N CYS E 93 -17.53 47.12 -3.45
CA CYS E 93 -16.73 47.44 -4.63
C CYS E 93 -15.27 47.10 -4.42
N ARG E 94 -14.73 47.38 -3.23
CA ARG E 94 -13.35 47.03 -2.95
C ARG E 94 -13.15 45.52 -2.96
N LEU E 95 -14.10 44.77 -2.39
CA LEU E 95 -14.03 43.32 -2.51
C LEU E 95 -14.11 42.86 -3.96
N MET E 96 -14.99 43.46 -4.76
CA MET E 96 -15.11 43.01 -6.15
C MET E 96 -13.83 43.29 -6.93
N LEU E 97 -13.28 44.49 -6.80
CA LEU E 97 -12.06 44.84 -7.52
C LEU E 97 -10.88 44.01 -7.05
N PHE E 98 -10.68 43.90 -5.73
CA PHE E 98 -9.59 43.09 -5.19
C PHE E 98 -9.72 41.65 -5.61
N MET E 99 -10.93 41.11 -5.59
CA MET E 99 -11.14 39.71 -5.91
C MET E 99 -10.95 39.45 -7.39
N LEU E 100 -11.41 40.37 -8.25
CA LEU E 100 -11.15 40.27 -9.68
C LEU E 100 -9.66 40.26 -9.97
N ALA E 101 -8.93 41.26 -9.46
CA ALA E 101 -7.49 41.33 -9.73
C ALA E 101 -6.74 40.15 -9.13
N MET E 102 -7.11 39.76 -7.91
CA MET E 102 -6.40 38.69 -7.22
C MET E 102 -6.62 37.35 -7.89
N ASN E 103 -7.86 37.06 -8.32
CA ASN E 103 -8.08 35.79 -9.00
C ASN E 103 -7.58 35.80 -10.42
N ARG E 104 -7.54 36.95 -11.09
CA ARG E 104 -6.86 37.02 -12.38
C ARG E 104 -5.38 36.69 -12.25
N GLN E 105 -4.70 37.34 -11.30
CA GLN E 105 -3.28 37.09 -11.09
C GLN E 105 -3.03 35.66 -10.59
N GLY E 106 -3.90 35.15 -9.72
CA GLY E 106 -3.74 33.79 -9.25
C GLY E 106 -3.98 32.76 -10.33
N SER E 107 -4.96 32.99 -11.20
CA SER E 107 -5.17 32.12 -12.35
C SER E 107 -3.96 32.11 -13.25
N ILE E 108 -3.39 33.28 -13.51
CA ILE E 108 -2.17 33.35 -14.32
C ILE E 108 -1.02 32.62 -13.64
N ILE E 109 -0.88 32.81 -12.32
CA ILE E 109 0.19 32.18 -11.55
C ILE E 109 0.07 30.66 -11.63
N PHE E 110 -1.15 30.13 -11.49
CA PHE E 110 -1.31 28.69 -11.55
C PHE E 110 -1.25 28.13 -12.96
N LEU E 111 -1.59 28.92 -13.98
CA LEU E 111 -1.26 28.52 -15.35
C LEU E 111 0.24 28.36 -15.53
N THR E 112 1.00 29.33 -15.01
CA THR E 112 2.46 29.27 -15.10
C THR E 112 3.02 28.09 -14.30
N VAL E 113 2.42 27.81 -13.14
CA VAL E 113 2.85 26.70 -12.31
C VAL E 113 2.57 25.37 -13.02
N VAL E 114 1.41 25.25 -13.66
CA VAL E 114 1.10 24.05 -14.43
C VAL E 114 2.07 23.90 -15.60
N ALA E 115 2.39 25.01 -16.27
CA ALA E 115 3.33 24.97 -17.39
C ALA E 115 4.72 24.52 -16.94
N VAL E 116 5.20 25.06 -15.82
CA VAL E 116 6.52 24.67 -15.32
C VAL E 116 6.50 23.24 -14.81
N ASP E 117 5.38 22.81 -14.22
CA ASP E 117 5.24 21.43 -13.78
C ASP E 117 5.35 20.49 -14.97
N ARG E 118 4.65 20.80 -16.07
CA ARG E 118 4.74 19.98 -17.28
C ARG E 118 6.13 20.05 -17.91
N TYR E 119 6.77 21.21 -17.85
CA TYR E 119 8.18 21.34 -18.23
C TYR E 119 9.05 20.33 -17.51
N PHE E 120 8.90 20.24 -16.19
CA PHE E 120 9.72 19.29 -15.44
C PHE E 120 9.28 17.86 -15.67
N ARG E 121 7.99 17.65 -16.00
CA ARG E 121 7.54 16.30 -16.36
C ARG E 121 8.22 15.82 -17.62
N VAL E 122 8.38 16.69 -18.61
CA VAL E 122 8.85 16.28 -19.94
C VAL E 122 10.36 16.45 -20.06
N VAL E 123 10.87 17.64 -19.70
CA VAL E 123 12.26 17.96 -20.02
C VAL E 123 13.21 17.33 -19.01
N HIS E 124 12.81 17.25 -17.74
CA HIS E 124 13.65 16.68 -16.68
C HIS E 124 12.86 15.57 -16.00
N PRO E 125 12.68 14.43 -16.68
CA PRO E 125 11.77 13.39 -16.16
C PRO E 125 12.18 12.81 -14.83
N HIS E 126 13.49 12.71 -14.56
CA HIS E 126 13.99 12.08 -13.35
C HIS E 126 14.26 13.08 -12.24
N HIS E 127 13.83 14.33 -12.41
CA HIS E 127 14.03 15.34 -11.38
C HIS E 127 13.19 15.02 -10.15
N ALA E 128 13.68 15.45 -8.99
CA ALA E 128 12.96 15.23 -7.74
C ALA E 128 11.71 16.09 -7.64
N LEU E 129 11.57 17.11 -8.48
CA LEU E 129 10.39 17.96 -8.46
C LEU E 129 9.15 17.23 -8.96
N ASN E 130 9.31 16.20 -9.79
CA ASN E 130 8.18 15.46 -10.31
C ASN E 130 7.60 14.47 -9.30
N LYS E 131 8.26 14.27 -8.16
CA LYS E 131 7.80 13.33 -7.15
C LYS E 131 7.50 14.01 -5.81
N ILE E 132 7.20 15.32 -5.83
CA ILE E 132 6.89 16.03 -4.60
C ILE E 132 5.57 15.54 -4.03
N SER E 133 5.46 15.56 -2.70
CA SER E 133 4.28 15.05 -2.03
C SER E 133 3.15 16.08 -2.06
N ASN E 134 1.99 15.66 -1.56
CA ASN E 134 0.84 16.56 -1.49
C ASN E 134 1.07 17.69 -0.50
N ARG E 135 1.86 17.44 0.56
CA ARG E 135 2.17 18.50 1.52
C ARG E 135 3.03 19.58 0.89
N THR E 136 4.02 19.20 0.07
CA THR E 136 4.84 20.17 -0.62
C THR E 136 4.01 21.01 -1.58
N ALA E 137 3.10 20.36 -2.31
CA ALA E 137 2.20 21.10 -3.19
C ALA E 137 1.29 22.03 -2.41
N ALA E 138 0.81 21.60 -1.24
CA ALA E 138 -0.01 22.46 -0.40
C ALA E 138 0.76 23.69 0.04
N ILE E 139 2.01 23.50 0.49
CA ILE E 139 2.82 24.62 0.95
C ILE E 139 3.11 25.58 -0.20
N ILE E 140 3.46 25.04 -1.38
CA ILE E 140 3.77 25.87 -2.53
C ILE E 140 2.54 26.66 -2.97
N SER E 141 1.38 26.00 -3.00
CA SER E 141 0.14 26.67 -3.37
C SER E 141 -0.24 27.75 -2.38
N CYS E 142 -0.08 27.48 -1.08
CA CYS E 142 -0.37 28.48 -0.07
C CYS E 142 0.55 29.69 -0.21
N LEU E 143 1.83 29.45 -0.50
CA LEU E 143 2.76 30.55 -0.73
C LEU E 143 2.39 31.36 -1.97
N LEU E 144 1.96 30.70 -3.05
CA LEU E 144 1.56 31.42 -4.24
C LEU E 144 0.31 32.24 -4.01
N TRP E 145 -0.67 31.68 -3.30
CA TRP E 145 -1.86 32.42 -2.93
C TRP E 145 -1.50 33.62 -2.06
N GLY E 146 -0.59 33.44 -1.11
CA GLY E 146 -0.16 34.54 -0.28
C GLY E 146 0.56 35.61 -1.06
N ILE E 147 1.35 35.22 -2.07
CA ILE E 147 2.00 36.19 -2.94
C ILE E 147 0.95 37.01 -3.67
N THR E 148 -0.08 36.35 -4.20
CA THR E 148 -1.15 37.07 -4.91
C THR E 148 -1.90 38.02 -3.97
N ILE E 149 -2.21 37.56 -2.76
CA ILE E 149 -2.86 38.41 -1.77
C ILE E 149 -2.00 39.62 -1.44
N GLY E 150 -0.71 39.39 -1.19
CA GLY E 150 0.18 40.49 -0.86
C GLY E 150 0.33 41.49 -1.99
N LEU E 151 0.31 41.02 -3.24
CA LEU E 151 0.41 41.94 -4.36
C LEU E 151 -0.91 42.64 -4.67
N THR E 152 -2.05 42.11 -4.20
CA THR E 152 -3.33 42.65 -4.64
C THR E 152 -4.07 43.45 -3.56
N VAL E 153 -3.81 43.21 -2.27
CA VAL E 153 -4.57 43.89 -1.21
C VAL E 153 -4.34 45.39 -1.15
N HIS E 154 -3.45 45.92 -2.00
CA HIS E 154 -3.34 47.37 -2.11
C HIS E 154 -4.62 48.01 -2.63
N LEU E 155 -5.49 47.23 -3.29
CA LEU E 155 -6.77 47.72 -3.74
C LEU E 155 -7.80 47.83 -2.62
N LEU E 156 -7.56 47.15 -1.50
CA LEU E 156 -8.50 47.18 -0.37
C LEU E 156 -8.32 48.40 0.52
N LYS E 157 -7.23 49.15 0.36
CA LYS E 157 -6.97 50.33 1.16
C LYS E 157 -7.28 51.63 0.41
N LYS E 158 -8.01 51.54 -0.69
CA LYS E 158 -8.33 52.69 -1.52
C LYS E 158 -9.77 53.13 -1.28
N LYS E 159 -9.97 54.43 -1.08
CA LYS E 159 -11.31 54.95 -0.90
C LYS E 159 -12.08 54.85 -2.21
N MET E 160 -13.19 54.14 -2.20
CA MET E 160 -13.88 53.73 -3.40
C MET E 160 -15.37 53.63 -3.09
N PRO E 161 -16.27 54.03 -4.02
CA PRO E 161 -16.15 54.51 -5.40
C PRO E 161 -15.63 55.93 -5.54
N ILE E 162 -15.76 56.47 -6.75
CA ILE E 162 -15.15 57.75 -7.09
C ILE E 162 -16.19 58.87 -7.21
N GLN E 163 -17.44 58.52 -7.51
CA GLN E 163 -18.59 59.43 -7.58
C GLN E 163 -18.28 60.70 -8.40
N ASN E 164 -17.95 60.46 -9.66
CA ASN E 164 -17.71 61.55 -10.60
C ASN E 164 -19.04 62.04 -11.16
N GLY E 165 -19.44 63.25 -10.78
CA GLY E 165 -20.69 63.82 -11.26
C GLY E 165 -21.93 63.06 -10.84
N GLY E 166 -21.96 62.56 -9.61
CA GLY E 166 -23.09 61.80 -9.13
C GLY E 166 -23.14 60.36 -9.59
N ALA E 167 -22.13 59.89 -10.31
CA ALA E 167 -22.08 58.53 -10.83
C ALA E 167 -20.94 57.79 -10.14
N ASN E 168 -21.28 56.80 -9.32
CA ASN E 168 -20.26 56.04 -8.61
C ASN E 168 -19.47 55.18 -9.58
N LEU E 169 -18.14 55.28 -9.51
CA LEU E 169 -17.24 54.59 -10.43
C LEU E 169 -16.53 53.48 -9.68
N CYS E 170 -16.79 52.24 -10.06
CA CYS E 170 -16.19 51.05 -9.45
C CYS E 170 -15.25 50.43 -10.46
N SER E 171 -14.02 50.93 -10.52
CA SER E 171 -13.03 50.44 -11.47
C SER E 171 -11.64 50.62 -10.89
N SER E 172 -10.81 49.59 -11.00
CA SER E 172 -9.42 49.67 -10.60
C SER E 172 -8.51 50.09 -11.75
N PHE E 173 -9.05 50.24 -12.96
CA PHE E 173 -8.29 50.62 -14.14
C PHE E 173 -8.76 51.99 -14.59
N SER E 174 -8.13 53.03 -14.07
CA SER E 174 -8.39 54.40 -14.48
C SER E 174 -7.13 54.96 -15.16
N ILE E 175 -7.31 55.59 -16.31
CA ILE E 175 -6.19 56.16 -17.05
C ILE E 175 -5.74 57.42 -16.34
N CYS E 176 -4.69 57.32 -15.54
CA CYS E 176 -4.22 58.47 -14.78
C CYS E 176 -2.71 58.61 -14.89
N HIS E 177 -2.26 59.86 -14.94
CA HIS E 177 -0.87 60.21 -15.18
C HIS E 177 0.00 60.15 -13.93
N THR E 178 -0.07 59.05 -13.18
CA THR E 178 0.81 58.79 -12.06
C THR E 178 1.21 57.32 -12.11
N PHE E 179 2.48 57.05 -11.84
CA PHE E 179 2.96 55.67 -11.82
C PHE E 179 2.29 54.90 -10.69
N GLN E 180 1.77 53.73 -11.01
CA GLN E 180 1.01 52.92 -10.06
C GLN E 180 1.56 51.50 -10.06
N TRP E 181 1.48 50.86 -8.90
CA TRP E 181 1.83 49.44 -8.83
C TRP E 181 0.83 48.57 -9.58
N HIS E 182 -0.42 49.01 -9.67
CA HIS E 182 -1.46 48.15 -10.24
C HIS E 182 -1.25 47.96 -11.73
N GLU E 183 -0.90 49.02 -12.46
CA GLU E 183 -0.61 48.90 -13.88
C GLU E 183 0.66 48.08 -14.13
N ALA E 184 1.69 48.29 -13.30
CA ALA E 184 2.92 47.52 -13.43
C ALA E 184 2.65 46.03 -13.19
N MET E 185 1.81 45.72 -12.20
CA MET E 185 1.40 44.34 -11.97
C MET E 185 0.62 43.79 -13.14
N PHE E 186 -0.25 44.60 -13.73
CA PHE E 186 -0.99 44.17 -14.92
C PHE E 186 -0.07 43.80 -16.06
N LEU E 187 0.98 44.59 -16.29
CA LEU E 187 1.91 44.29 -17.37
C LEU E 187 2.82 43.11 -17.03
N LEU E 188 3.27 43.03 -15.77
CA LEU E 188 4.15 41.95 -15.36
C LEU E 188 3.44 40.60 -15.43
N GLU E 189 2.18 40.54 -14.95
CA GLU E 189 1.44 39.29 -14.88
C GLU E 189 1.08 38.77 -16.27
N PHE E 190 1.33 39.57 -17.30
CA PHE E 190 1.35 39.00 -18.63
C PHE E 190 2.77 38.66 -19.05
N PHE E 191 3.65 39.67 -19.08
CA PHE E 191 4.90 39.54 -19.82
C PHE E 191 5.84 38.50 -19.21
N LEU E 192 5.93 38.42 -17.88
CA LEU E 192 6.91 37.48 -17.37
C LEU E 192 6.36 36.04 -17.41
N PRO E 193 5.13 35.77 -16.94
CA PRO E 193 4.57 34.43 -17.20
C PRO E 193 4.35 34.11 -18.66
N LEU E 194 4.18 35.09 -19.55
CA LEU E 194 4.16 34.79 -20.98
C LEU E 194 5.49 34.20 -21.42
N GLY E 195 6.59 34.81 -21.00
CA GLY E 195 7.90 34.27 -21.32
C GLY E 195 8.13 32.90 -20.74
N ILE E 196 7.74 32.71 -19.47
CA ILE E 196 7.93 31.41 -18.82
C ILE E 196 7.10 30.34 -19.53
N ILE E 197 5.83 30.66 -19.84
CA ILE E 197 4.94 29.70 -20.47
C ILE E 197 5.42 29.36 -21.88
N LEU E 198 5.83 30.37 -22.64
CA LEU E 198 6.32 30.12 -24.00
C LEU E 198 7.59 29.29 -23.98
N PHE E 199 8.52 29.60 -23.07
CA PHE E 199 9.75 28.81 -22.97
C PHE E 199 9.43 27.36 -22.60
N CYS E 200 8.57 27.16 -21.60
CA CYS E 200 8.22 25.82 -21.17
C CYS E 200 7.54 25.04 -22.28
N SER E 201 6.57 25.66 -22.96
CA SER E 201 5.85 24.97 -24.03
C SER E 201 6.77 24.64 -25.19
N ALA E 202 7.63 25.58 -25.59
CA ALA E 202 8.54 25.34 -26.70
C ALA E 202 9.52 24.22 -26.36
N ARG E 203 10.05 24.22 -25.13
CA ARG E 203 10.96 23.15 -24.74
C ARG E 203 10.25 21.81 -24.63
N ILE E 204 8.99 21.80 -24.19
CA ILE E 204 8.24 20.55 -24.13
C ILE E 204 8.03 19.98 -25.53
N ILE E 205 7.62 20.83 -26.48
CA ILE E 205 7.41 20.36 -27.85
C ILE E 205 8.73 19.88 -28.45
N TRP E 206 9.80 20.64 -28.23
CA TRP E 206 11.11 20.29 -28.78
C TRP E 206 11.62 18.98 -28.19
N SER E 207 11.36 18.74 -26.91
CA SER E 207 11.81 17.48 -26.30
C SER E 207 10.95 16.31 -26.76
N LEU E 208 9.65 16.53 -26.91
CA LEU E 208 8.77 15.44 -27.33
C LEU E 208 9.00 15.07 -28.79
N ARG E 209 9.47 16.02 -29.59
CA ARG E 209 9.78 15.71 -30.99
C ARG E 209 11.25 15.35 -31.21
N GLN E 210 12.14 15.72 -30.29
CA GLN E 210 13.54 15.31 -30.40
C GLN E 210 13.74 13.87 -29.99
N ARG E 211 12.90 13.35 -29.09
CA ARG E 211 12.90 11.95 -28.72
C ARG E 211 11.99 11.12 -29.60
N GLN E 212 11.42 11.73 -30.64
CA GLN E 212 10.51 11.07 -31.60
C GLN E 212 9.27 10.53 -30.90
N MET E 213 8.92 11.09 -29.75
CA MET E 213 7.76 10.63 -28.99
C MET E 213 6.45 11.12 -29.59
N ASP E 214 6.50 12.08 -30.53
CA ASP E 214 5.29 12.63 -31.12
C ASP E 214 4.59 11.65 -32.06
N ARG E 215 5.22 10.52 -32.38
CA ARG E 215 4.56 9.48 -33.16
C ARG E 215 3.34 8.89 -32.45
N HIS E 216 3.31 8.94 -31.11
CA HIS E 216 2.14 8.47 -30.38
C HIS E 216 0.97 9.44 -30.57
N ALA E 217 -0.23 8.86 -30.61
CA ALA E 217 -1.43 9.68 -30.80
C ALA E 217 -1.73 10.53 -29.57
N LYS E 218 -1.59 9.94 -28.37
CA LYS E 218 -1.85 10.69 -27.15
C LYS E 218 -0.78 11.75 -26.91
N ILE E 219 0.46 11.49 -27.32
CA ILE E 219 1.48 12.53 -27.28
C ILE E 219 1.15 13.65 -28.25
N LYS E 220 0.57 13.33 -29.41
CA LYS E 220 0.09 14.36 -30.32
C LYS E 220 -1.01 15.19 -29.67
N ARG E 221 -1.92 14.53 -28.96
CA ARG E 221 -2.97 15.25 -28.25
C ARG E 221 -2.40 16.17 -27.18
N ALA E 222 -1.40 15.69 -26.43
CA ALA E 222 -0.76 16.51 -25.40
C ALA E 222 -0.05 17.71 -26.01
N ILE E 223 0.68 17.49 -27.11
CA ILE E 223 1.36 18.59 -27.80
C ILE E 223 0.34 19.61 -28.31
N THR E 224 -0.74 19.12 -28.90
CA THR E 224 -1.78 20.01 -29.41
C THR E 224 -2.38 20.85 -28.30
N PHE E 225 -2.68 20.23 -27.15
CA PHE E 225 -3.34 21.00 -26.10
C PHE E 225 -2.37 21.90 -25.34
N ILE E 226 -1.08 21.57 -25.33
CA ILE E 226 -0.09 22.53 -24.83
C ILE E 226 -0.07 23.76 -25.72
N MET E 227 -0.08 23.56 -27.04
CA MET E 227 -0.20 24.70 -27.95
C MET E 227 -1.51 25.44 -27.72
N VAL E 228 -2.60 24.72 -27.46
CA VAL E 228 -3.90 25.35 -27.25
C VAL E 228 -3.89 26.23 -26.01
N VAL E 229 -3.31 25.74 -24.91
CA VAL E 229 -3.31 26.56 -23.69
C VAL E 229 -2.38 27.76 -23.85
N ALA E 230 -1.26 27.60 -24.54
CA ALA E 230 -0.39 28.75 -24.80
C ALA E 230 -1.11 29.80 -25.66
N ILE E 231 -1.80 29.34 -26.72
CA ILE E 231 -2.49 30.27 -27.60
C ILE E 231 -3.66 30.94 -26.88
N VAL E 232 -4.36 30.20 -26.02
CA VAL E 232 -5.46 30.77 -25.26
C VAL E 232 -4.95 31.85 -24.32
N PHE E 233 -3.84 31.58 -23.62
CA PHE E 233 -3.24 32.60 -22.75
C PHE E 233 -2.87 33.84 -23.55
N VAL E 234 -2.25 33.65 -24.72
CA VAL E 234 -1.83 34.79 -25.54
C VAL E 234 -3.04 35.59 -25.99
N ILE E 235 -4.02 34.94 -26.60
CA ILE E 235 -5.17 35.65 -27.15
C ILE E 235 -6.08 36.23 -26.08
N CYS E 236 -5.95 35.78 -24.83
CA CYS E 236 -6.79 36.32 -23.77
C CYS E 236 -6.11 37.43 -22.99
N PHE E 237 -4.77 37.46 -22.92
CA PHE E 237 -4.12 38.48 -22.11
C PHE E 237 -3.29 39.48 -22.92
N LEU E 238 -2.90 39.17 -24.16
CA LEU E 238 -2.16 40.12 -24.98
C LEU E 238 -2.96 41.37 -25.35
N PRO E 239 -4.21 41.30 -25.83
CA PRO E 239 -4.86 42.52 -26.30
C PRO E 239 -5.03 43.60 -25.24
N SER E 240 -5.41 43.23 -24.02
CA SER E 240 -5.53 44.21 -22.95
C SER E 240 -4.17 44.83 -22.64
N VAL E 241 -3.11 44.04 -22.72
CA VAL E 241 -1.78 44.55 -22.43
C VAL E 241 -1.32 45.52 -23.51
N VAL E 242 -1.60 45.23 -24.78
CA VAL E 242 -1.17 46.14 -25.84
C VAL E 242 -1.99 47.42 -25.81
N VAL E 243 -3.27 47.34 -25.43
CA VAL E 243 -4.06 48.55 -25.30
C VAL E 243 -3.58 49.38 -24.10
N ARG E 244 -3.20 48.72 -23.01
CA ARG E 244 -2.66 49.45 -21.86
C ARG E 244 -1.32 50.08 -22.20
N ILE E 245 -0.52 49.42 -23.05
CA ILE E 245 0.74 50.00 -23.49
C ILE E 245 0.50 51.21 -24.38
N ARG E 246 -0.53 51.13 -25.24
CA ARG E 246 -0.93 52.29 -26.03
C ARG E 246 -1.37 53.44 -25.13
N ILE E 247 -2.07 53.11 -24.04
CA ILE E 247 -2.47 54.12 -23.06
C ILE E 247 -1.25 54.75 -22.41
N PHE E 248 -0.25 53.92 -22.08
CA PHE E 248 1.00 54.44 -21.52
C PHE E 248 1.68 55.39 -22.50
N TRP E 249 1.72 55.03 -23.78
CA TRP E 249 2.33 55.88 -24.78
C TRP E 249 1.57 57.21 -24.93
N LEU E 250 0.24 57.15 -24.91
CA LEU E 250 -0.54 58.38 -24.99
C LEU E 250 -0.33 59.27 -23.77
N LEU E 251 -0.22 58.66 -22.58
CA LEU E 251 0.04 59.44 -21.37
C LEU E 251 1.43 60.07 -21.43
N HIS E 252 2.42 59.34 -21.95
CA HIS E 252 3.76 59.90 -22.09
C HIS E 252 3.80 61.04 -23.11
N THR E 253 3.07 60.90 -24.22
CA THR E 253 3.11 61.88 -25.29
C THR E 253 2.13 63.02 -25.06
N SER E 254 0.83 62.71 -24.96
CA SER E 254 -0.20 63.73 -24.86
C SER E 254 -0.46 64.18 -23.43
N GLY E 255 -0.31 63.29 -22.45
CA GLY E 255 -0.64 63.63 -21.09
C GLY E 255 -2.13 63.67 -20.86
N THR E 256 -2.51 64.16 -19.68
CA THR E 256 -3.92 64.26 -19.30
C THR E 256 -4.53 65.59 -19.71
N GLN E 257 -4.36 65.93 -20.99
CA GLN E 257 -4.99 67.11 -21.58
C GLN E 257 -5.67 66.69 -22.87
N ASN E 258 -6.88 67.22 -23.10
CA ASN E 258 -7.71 66.89 -24.25
C ASN E 258 -7.96 65.37 -24.31
N CYS E 259 -8.69 64.89 -23.30
CA CYS E 259 -9.01 63.48 -23.14
C CYS E 259 -9.95 62.94 -24.19
N GLU E 260 -10.33 63.68 -25.23
CA GLU E 260 -11.16 63.10 -26.29
C GLU E 260 -10.43 62.02 -27.08
N VAL E 261 -9.10 61.93 -26.93
CA VAL E 261 -8.34 60.88 -27.61
C VAL E 261 -8.26 59.60 -26.80
N TYR E 262 -8.46 59.67 -25.48
CA TYR E 262 -8.38 58.48 -24.64
C TYR E 262 -9.65 57.64 -24.65
N ARG E 263 -10.75 58.14 -25.24
CA ARG E 263 -12.01 57.42 -25.19
C ARG E 263 -11.93 56.10 -25.93
N SER E 264 -11.35 56.11 -27.14
CA SER E 264 -11.27 54.89 -27.94
C SER E 264 -10.37 53.85 -27.27
N VAL E 265 -9.22 54.28 -26.73
CA VAL E 265 -8.33 53.32 -26.10
C VAL E 265 -8.91 52.80 -24.79
N ASP E 266 -9.69 53.62 -24.07
CA ASP E 266 -10.35 53.13 -22.86
C ASP E 266 -11.41 52.08 -23.19
N LEU E 267 -12.23 52.36 -24.22
CA LEU E 267 -13.22 51.39 -24.66
C LEU E 267 -12.56 50.09 -25.11
N ALA E 268 -11.48 50.21 -25.89
CA ALA E 268 -10.76 49.03 -26.34
C ALA E 268 -10.16 48.26 -25.17
N PHE E 269 -9.65 48.97 -24.16
CA PHE E 269 -9.07 48.30 -23.01
C PHE E 269 -10.12 47.48 -22.26
N PHE E 270 -11.32 48.03 -22.11
CA PHE E 270 -12.34 47.25 -21.38
C PHE E 270 -12.86 46.08 -22.21
N ILE E 271 -13.02 46.29 -23.53
CA ILE E 271 -13.42 45.17 -24.40
C ILE E 271 -12.38 44.05 -24.34
N THR E 272 -11.10 44.41 -24.39
CA THR E 272 -10.04 43.40 -24.35
C THR E 272 -9.80 42.85 -22.95
N LEU E 273 -10.24 43.57 -21.91
CA LEU E 273 -10.17 43.05 -20.55
C LEU E 273 -11.26 42.01 -20.31
N SER E 274 -12.36 42.09 -21.07
CA SER E 274 -13.32 40.98 -21.05
C SER E 274 -12.68 39.66 -21.44
N PHE E 275 -11.67 39.68 -22.30
CA PHE E 275 -10.98 38.47 -22.70
C PHE E 275 -10.26 37.79 -21.55
N THR E 276 -9.85 38.55 -20.53
CA THR E 276 -9.27 37.96 -19.33
C THR E 276 -10.24 37.03 -18.63
N TYR E 277 -11.50 37.43 -18.49
CA TYR E 277 -12.53 36.57 -17.91
C TYR E 277 -12.92 35.46 -18.87
N MET E 278 -12.84 35.73 -20.17
CA MET E 278 -13.01 34.66 -21.15
C MET E 278 -11.97 33.57 -20.96
N ASN E 279 -10.75 33.95 -20.55
CA ASN E 279 -9.73 32.95 -20.26
C ASN E 279 -10.15 32.02 -19.13
N SER E 280 -10.73 32.57 -18.06
CA SER E 280 -11.18 31.73 -16.95
C SER E 280 -12.39 30.90 -17.34
N MET E 281 -13.23 31.41 -18.24
CA MET E 281 -14.33 30.59 -18.74
C MET E 281 -13.81 29.41 -19.55
N LEU E 282 -12.80 29.63 -20.39
CA LEU E 282 -12.28 28.58 -21.26
C LEU E 282 -11.30 27.65 -20.55
N ASP E 283 -10.78 28.05 -19.38
CA ASP E 283 -9.78 27.22 -18.70
C ASP E 283 -10.25 25.81 -18.37
N PRO E 284 -11.48 25.56 -17.87
CA PRO E 284 -11.88 24.15 -17.64
C PRO E 284 -11.84 23.30 -18.89
N VAL E 285 -12.32 23.84 -20.03
CA VAL E 285 -12.38 23.06 -21.26
C VAL E 285 -10.98 22.64 -21.72
N VAL E 286 -10.02 23.57 -21.65
CA VAL E 286 -8.68 23.30 -22.15
C VAL E 286 -7.77 22.68 -21.12
N TYR E 287 -8.21 22.56 -19.85
CA TYR E 287 -7.33 22.01 -18.83
C TYR E 287 -7.84 20.71 -18.23
N TYR E 288 -9.11 20.64 -17.83
CA TYR E 288 -9.62 19.47 -17.11
C TYR E 288 -10.46 18.57 -18.00
N PHE E 289 -11.47 19.12 -18.68
CA PHE E 289 -12.34 18.29 -19.52
C PHE E 289 -11.62 17.71 -20.72
N SER E 290 -10.43 18.20 -21.05
CA SER E 290 -9.63 17.63 -22.13
C SER E 290 -8.65 16.57 -21.65
N SER E 291 -8.57 16.34 -20.34
CA SER E 291 -7.65 15.35 -19.80
C SER E 291 -8.23 13.95 -19.93
N PRO E 292 -7.52 13.02 -20.58
CA PRO E 292 -8.05 11.66 -20.71
C PRO E 292 -8.28 10.96 -19.38
N SER E 293 -7.47 11.25 -18.36
CA SER E 293 -7.67 10.66 -17.04
C SER E 293 -8.77 11.35 -16.24
N PHE E 294 -9.23 12.51 -16.70
CA PHE E 294 -10.31 13.20 -16.01
C PHE E 294 -11.65 12.53 -16.29
N ASN E 295 -12.42 12.31 -15.24
CA ASN E 295 -13.74 11.68 -15.37
C ASN E 295 -14.78 12.70 -15.82
C15 IX8 F . 6.26 48.97 -17.26
C17 IX8 F . 7.61 46.84 -17.98
C20 IX8 F . 6.84 45.28 -15.92
C21 IX8 F . 6.38 46.62 -16.05
C22 IX8 F . 8.22 43.17 -16.70
C24 IX8 F . 9.58 42.94 -15.98
C28 IX8 F . 3.61 57.01 -17.86
C1 IX8 F . -0.85 54.59 -15.86
C2 IX8 F . 0.55 54.76 -15.26
N3 IX8 F . 1.57 53.77 -15.83
C4 IX8 F . 2.52 53.00 -15.07
O5 IX8 F . 2.52 53.12 -13.87
C6 IX8 F . 3.54 51.98 -15.72
C7 IX8 F . 3.63 50.65 -15.19
N8 IX8 F . 4.40 49.66 -15.56
C9 IX8 F . 5.30 49.82 -16.60
N10 IX8 F . 5.29 51.15 -17.21
C11 IX8 F . 4.42 52.23 -16.78
C12 IX8 F . 4.45 53.57 -17.43
N13 IX8 F . 6.23 51.15 -18.22
C14 IX8 F . 6.77 49.90 -18.23
C16 IX8 F . 6.74 47.51 -17.09
C18 IX8 F . 8.07 45.52 -17.86
C19 IX8 F . 7.72 44.64 -16.82
C23 IX8 F . 8.37 42.45 -18.05
C25 IX8 F . 1.06 56.32 -15.53
O26 IX8 F . 1.38 56.69 -16.89
C27 IX8 F . 2.52 57.48 -17.11
C29 IX8 F . 4.75 57.79 -18.08
C30 IX8 F . 4.85 59.08 -17.57
C31 IX8 F . 3.78 59.56 -16.83
C32 IX8 F . 2.64 58.78 -16.61
C1 CLR G . -5.04 28.88 -0.28
C2 CLR G . -5.52 30.26 0.15
C3 CLR G . -6.64 30.74 -0.78
C4 CLR G . -7.83 29.80 -0.61
C5 CLR G . -7.39 28.38 -0.88
C6 CLR G . -8.17 27.66 -1.70
C7 CLR G . -7.84 26.24 -2.09
C8 CLR G . -6.87 25.61 -1.12
C9 CLR G . -5.68 26.55 -0.90
C10 CLR G . -6.14 27.84 -0.21
C11 CLR G . -4.56 25.87 -0.11
C12 CLR G . -4.14 24.50 -0.69
C13 CLR G . -5.37 23.60 -0.79
C14 CLR G . -6.37 24.30 -1.69
C15 CLR G . -7.40 23.24 -1.99
C16 CLR G . -6.58 21.96 -2.13
C17 CLR G . -5.20 22.27 -1.51
C18 CLR G . -5.96 23.34 0.59
C19 CLR G . -6.50 27.55 1.24
C20 CLR G . -4.66 21.12 -0.66
C21 CLR G . -3.29 20.72 -1.18
C22 CLR G . -5.58 19.89 -0.62
C23 CLR G . -5.01 18.79 0.26
C24 CLR G . -4.80 17.51 -0.53
C25 CLR G . -4.36 16.35 0.37
C26 CLR G . -3.20 16.76 1.26
C27 CLR G . -5.53 15.83 1.18
O1 CLR G . -7.03 32.07 -0.42
C1 3HR H . -10.77 44.67 -13.10
O1 3HR H . -10.64 43.58 -13.80
C2 3HR H . -12.14 45.33 -13.14
O2 3HR H . -11.86 47.70 -13.05
C3 3HR H . -12.20 46.65 -13.90
O3 3HR H . -9.82 45.14 -12.46
C4 3HR H . -13.64 46.99 -14.36
C1 CLR I . 3.37 35.79 -11.88
C2 CLR I . 3.15 37.28 -12.14
C3 CLR I . 3.18 38.04 -10.82
C4 CLR I . 4.60 37.95 -10.28
C5 CLR I . 4.93 36.50 -10.07
C6 CLR I . 5.45 36.13 -8.89
C7 CLR I . 5.63 34.69 -8.46
C8 CLR I . 5.81 33.81 -9.68
C9 CLR I . 4.70 34.07 -10.69
C10 CLR I . 4.70 35.51 -11.19
C11 CLR I . 4.76 33.08 -11.85
C12 CLR I . 4.83 31.62 -11.40
C13 CLR I . 6.01 31.42 -10.45
C14 CLR I . 5.77 32.34 -9.28
C15 CLR I . 6.76 31.88 -8.22
C16 CLR I . 6.80 30.36 -8.43
C17 CLR I . 6.16 30.06 -9.78
C18 CLR I . 7.33 31.77 -11.15
C19 CLR I . 5.84 35.69 -12.20
C20 CLR I . 6.95 29.01 -10.58
C21 CLR I . 6.11 28.37 -11.68
C22 CLR I . 7.55 27.93 -9.68
C23 CLR I . 6.55 26.84 -9.30
C24 CLR I . 7.03 25.46 -9.74
C25 CLR I . 6.02 24.39 -9.40
C26 CLR I . 6.16 23.19 -10.33
C27 CLR I . 6.15 23.95 -7.94
O1 CLR I . 2.83 39.42 -11.05
C1 NAG J . -2.11 68.78 -11.82
C2 NAG J . -0.60 68.71 -11.50
C3 NAG J . -0.17 69.93 -10.72
C4 NAG J . -0.58 71.21 -11.45
C5 NAG J . -2.07 71.18 -11.75
C6 NAG J . -2.53 72.37 -12.57
C7 NAG J . 0.07 66.34 -11.39
C8 NAG J . 0.36 65.19 -10.48
N2 NAG J . -0.28 67.49 -10.78
O3 NAG J . 1.25 69.90 -10.55
O4 NAG J . -0.28 72.35 -10.63
O5 NAG J . -2.39 70.00 -12.50
O6 NAG J . -1.85 72.42 -13.82
O7 NAG J . 0.15 66.26 -12.61
#